data_4HPQ
#
_entry.id   4HPQ
#
_cell.length_a   144.370
_cell.length_b   64.200
_cell.length_c   184.210
_cell.angle_alpha   90.00
_cell.angle_beta   110.79
_cell.angle_gamma   90.00
#
_symmetry.space_group_name_H-M   'P 1 21 1'
#
loop_
_entity.id
_entity.type
_entity.pdbx_description
1 polymer Atg29
2 polymer Atg31
3 polymer Atg17
#
loop_
_entity_poly.entity_id
_entity_poly.type
_entity_poly.pdbx_seq_one_letter_code
_entity_poly.pdbx_strand_id
1 'polypeptide(L)'
;MNSENTIVYVRVAGRARNGFVDPLKFYWDLERDRSLWSSV(UNK)(UNK)(UNK)(UNK)(UNK)(UNK)(UNK)(UNK)
(UNK)(UNK)(UNK)(UNK)(UNK)(UNK)(UNK)(UNK)(UNK)(UNK)(UNK)(UNK)(UNK)(UNK)(UNK)(UNK)
(UNK)(UNK)(UNK)(UNK)(UNK)
;
A,D
2 'polypeptide(L)'
;MSSEANPPVLEPFTVTVVDRNVKHQVEGEPEEEGHPDHEVQGVMFATNVKYIFEDDQELLPEQEDPAIENVVIIEADESL
RVTQVEMISDQFKQVGYEVRDGNEVCIDAMSRFETPRQLGNLPLEKLVQLYKLQNDQLHSLFNTLAGQFYLNAHHHHHH
;
B,E
3 'polypeptide(L)'
;MNEAVIEKLLENSRKFLTGAKLICQESNDHLTTTKLRIREWQKFQSKLHFVLDCIQQQTKFLSEILLREGIGRNLIEEEW
SQTVLVRLVNDMKFWQNEITKMMNKLDNITNEIDQQHNSKLGDFISRDSSHILDSKLNEIPTIRKQVENITRQYQTMLAK
VQSQLVESRMKGLRDEFSSKFGDQCRENLKLNEEFTNEADQLEQELADFLKSFTDHFDKCSALSSRSVSPEDAQNLFEIV
ERDDKDLAAINSLLQDAAIDVASFVRKVNMLLDERDADKAKMQATLSKLLTELRKHEEYISVFEGISALIQKFKASCLED
IRQTRNLLDFYANFERSYHNLLKEVKRRKETAAKLSQILKSCETQLEQINTADLRERQMFLLENGNYLPETIWPDEIGSL
SPLYTLNYEVRKV
;
C,F
#
# COMPACT_ATOMS: atom_id res chain seq x y z
N MET A 1 -107.94 1.04 4.98
CA MET A 1 -106.67 0.56 4.34
C MET A 1 -106.01 -0.56 5.14
N ASN A 2 -106.76 -1.65 5.20
CA ASN A 2 -106.37 -2.92 5.75
C ASN A 2 -107.55 -3.78 5.36
N SER A 3 -107.34 -4.96 4.81
CA SER A 3 -108.46 -5.76 4.29
C SER A 3 -109.80 -5.42 4.95
N GLU A 4 -109.82 -5.41 6.28
CA GLU A 4 -111.03 -5.15 7.03
C GLU A 4 -111.21 -3.68 7.32
N ASN A 5 -112.41 -3.28 7.69
CA ASN A 5 -112.65 -1.90 8.03
C ASN A 5 -112.30 -0.94 6.87
N THR A 6 -112.53 -1.39 5.63
CA THR A 6 -112.37 -0.53 4.45
C THR A 6 -112.84 -1.26 3.20
N ILE A 7 -113.94 -0.79 2.63
CA ILE A 7 -114.66 -1.50 1.56
C ILE A 7 -114.41 -0.94 0.16
N VAL A 8 -114.48 -1.84 -0.82
CA VAL A 8 -114.45 -1.46 -2.20
C VAL A 8 -115.72 -1.93 -2.86
N TYR A 9 -116.37 -1.00 -3.57
CA TYR A 9 -117.50 -1.33 -4.39
C TYR A 9 -117.07 -1.20 -5.84
N VAL A 10 -117.56 -2.08 -6.69
CA VAL A 10 -117.32 -1.94 -8.11
C VAL A 10 -118.67 -1.84 -8.84
N ARG A 11 -118.81 -0.79 -9.65
CA ARG A 11 -119.97 -0.63 -10.52
C ARG A 11 -119.72 -1.28 -11.87
N VAL A 12 -120.81 -1.66 -12.53
CA VAL A 12 -120.74 -2.29 -13.83
C VAL A 12 -122.01 -2.02 -14.63
N ALA A 13 -121.94 -2.17 -15.95
CA ALA A 13 -123.07 -1.90 -16.85
C ALA A 13 -123.50 -3.14 -17.63
N GLY A 14 -124.72 -3.63 -17.36
CA GLY A 14 -125.23 -4.87 -17.97
C GLY A 14 -124.25 -5.99 -17.66
N ARG A 15 -124.12 -6.32 -16.38
CA ARG A 15 -123.15 -7.32 -15.92
C ARG A 15 -123.79 -8.67 -15.62
N ALA A 16 -124.84 -8.66 -14.80
CA ALA A 16 -125.28 -9.84 -14.02
C ALA A 16 -125.01 -11.21 -14.63
N ARG A 17 -124.09 -11.97 -14.01
CA ARG A 17 -123.86 -13.37 -14.37
C ARG A 17 -124.25 -14.33 -13.26
N ASN A 18 -124.50 -13.79 -12.07
CA ASN A 18 -124.71 -14.59 -10.87
C ASN A 18 -123.57 -15.59 -10.60
N GLY A 19 -122.36 -15.20 -10.98
CA GLY A 19 -121.12 -15.86 -10.56
C GLY A 19 -120.41 -14.91 -9.62
N PHE A 20 -121.05 -14.62 -8.50
CA PHE A 20 -120.58 -13.59 -7.59
C PHE A 20 -119.43 -14.10 -6.73
N VAL A 21 -118.33 -13.36 -6.73
CA VAL A 21 -117.09 -13.83 -6.10
C VAL A 21 -117.11 -13.38 -4.63
N ASP A 22 -116.88 -12.11 -4.38
CA ASP A 22 -117.02 -11.55 -3.03
C ASP A 22 -116.26 -12.36 -1.97
N PRO A 23 -115.00 -12.76 -2.28
CA PRO A 23 -114.21 -13.48 -1.30
C PRO A 23 -113.67 -12.51 -0.26
N LEU A 24 -113.78 -12.85 1.01
CA LEU A 24 -113.19 -12.01 2.05
C LEU A 24 -111.83 -12.57 2.49
N LYS A 25 -110.78 -11.82 2.22
CA LYS A 25 -109.40 -12.18 2.57
C LYS A 25 -108.68 -11.15 3.45
N PHE A 26 -108.36 -11.48 4.70
CA PHE A 26 -107.63 -10.53 5.52
C PHE A 26 -106.13 -10.49 5.21
N TYR A 27 -105.67 -9.52 4.42
CA TYR A 27 -104.25 -9.43 4.01
C TYR A 27 -103.52 -8.12 4.33
N TRP A 28 -102.42 -8.21 5.07
CA TRP A 28 -101.64 -7.04 5.53
C TRP A 28 -100.34 -6.97 4.76
N ASP A 29 -99.65 -5.83 4.86
CA ASP A 29 -98.40 -5.59 4.09
C ASP A 29 -97.24 -6.45 4.56
N LEU A 30 -97.22 -6.83 5.84
CA LEU A 30 -96.23 -7.77 6.36
C LEU A 30 -96.51 -9.16 5.76
N GLU A 31 -97.79 -9.55 5.70
CA GLU A 31 -98.18 -10.79 5.01
C GLU A 31 -97.57 -10.78 3.60
N ARG A 32 -97.58 -9.62 2.94
CA ARG A 32 -96.95 -9.48 1.62
C ARG A 32 -95.47 -9.75 1.65
N ASP A 33 -94.77 -9.12 2.59
CA ASP A 33 -93.34 -9.33 2.74
C ASP A 33 -92.99 -10.81 2.91
N ARG A 34 -93.83 -11.51 3.67
CA ARG A 34 -93.70 -12.96 3.90
C ARG A 34 -93.82 -13.80 2.59
N SER A 35 -94.99 -13.73 1.95
CA SER A 35 -95.23 -14.41 0.66
C SER A 35 -94.20 -14.02 -0.41
N LEU A 36 -93.75 -12.77 -0.38
CA LEU A 36 -92.67 -12.33 -1.26
C LEU A 36 -91.45 -13.20 -1.05
N TRP A 37 -90.95 -13.20 0.20
CA TRP A 37 -89.77 -14.00 0.57
C TRP A 37 -90.00 -15.48 0.26
N SER A 38 -91.16 -16.00 0.69
CA SER A 38 -91.57 -17.38 0.41
C SER A 38 -91.38 -17.68 -1.07
N SER A 39 -92.05 -16.91 -1.93
CA SER A 39 -91.94 -17.09 -3.39
C SER A 39 -90.49 -17.07 -3.90
N VAL A 40 -89.56 -16.52 -3.11
CA VAL A 40 -88.12 -16.68 -3.36
C VAL A 40 -87.70 -16.07 -4.70
N UNK A 41 -98.68 -26.92 -4.11
CA UNK A 41 -97.87 -25.66 -4.25
C UNK A 41 -98.80 -24.47 -4.04
N UNK A 42 -99.54 -24.10 -5.07
CA UNK A 42 -100.52 -23.01 -4.97
C UNK A 42 -101.61 -23.38 -3.95
N UNK A 43 -102.15 -24.59 -4.05
CA UNK A 43 -103.16 -25.08 -3.10
C UNK A 43 -102.70 -24.88 -1.64
N UNK A 44 -101.44 -25.21 -1.38
CA UNK A 44 -100.86 -25.10 -0.03
C UNK A 44 -100.66 -23.64 0.44
N UNK A 45 -99.94 -22.84 -0.36
CA UNK A 45 -99.63 -21.45 -0.01
C UNK A 45 -100.90 -20.62 0.14
N UNK A 46 -101.98 -21.03 -0.55
CA UNK A 46 -103.32 -20.46 -0.36
C UNK A 46 -103.79 -20.69 1.07
N UNK A 47 -103.78 -21.93 1.53
CA UNK A 47 -104.11 -22.23 2.93
C UNK A 47 -103.16 -21.48 3.85
N UNK A 48 -101.90 -21.33 3.41
CA UNK A 48 -100.90 -20.62 4.19
C UNK A 48 -101.07 -19.08 4.19
N UNK A 49 -101.96 -18.52 3.38
CA UNK A 49 -102.29 -17.09 3.50
C UNK A 49 -103.81 -16.76 3.36
N UNK A 50 -104.50 -17.42 2.41
CA UNK A 50 -106.01 -17.52 2.33
C UNK A 50 -106.74 -17.02 1.04
N UNK A 51 -106.06 -16.98 -0.12
CA UNK A 51 -106.74 -16.77 -1.44
C UNK A 51 -105.84 -17.11 -2.63
N UNK A 52 -106.41 -17.74 -3.65
CA UNK A 52 -105.62 -18.27 -4.76
C UNK A 52 -105.27 -17.17 -5.78
N UNK A 53 -106.31 -16.66 -6.45
CA UNK A 53 -106.18 -15.56 -7.40
C UNK A 53 -105.16 -14.53 -6.89
N UNK A 54 -105.41 -14.00 -5.69
CA UNK A 54 -104.55 -12.98 -5.06
C UNK A 54 -103.08 -13.36 -5.05
N UNK A 55 -102.79 -14.57 -4.57
CA UNK A 55 -101.41 -14.99 -4.41
C UNK A 55 -100.80 -15.12 -5.80
N UNK A 56 -101.48 -15.92 -6.63
CA UNK A 56 -101.01 -16.26 -7.97
C UNK A 56 -100.75 -15.01 -8.82
N UNK A 57 -101.58 -13.97 -8.61
CA UNK A 57 -101.35 -12.68 -9.24
C UNK A 57 -100.12 -11.99 -8.65
N UNK A 58 -100.25 -11.60 -7.36
CA UNK A 58 -99.26 -10.78 -6.65
C UNK A 58 -97.86 -11.41 -6.70
N UNK A 59 -97.86 -12.73 -6.84
CA UNK A 59 -96.63 -13.47 -7.06
C UNK A 59 -96.11 -13.19 -8.47
N UNK A 60 -96.99 -13.39 -9.46
CA UNK A 60 -96.64 -13.19 -10.86
C UNK A 60 -96.22 -11.75 -11.10
N UNK A 61 -97.01 -10.84 -10.51
CA UNK A 61 -96.76 -9.41 -10.56
C UNK A 61 -95.44 -9.02 -9.92
N UNK A 62 -95.23 -9.48 -8.68
CA UNK A 62 -94.03 -9.12 -7.92
C UNK A 62 -92.81 -9.78 -8.56
N UNK A 63 -93.04 -10.90 -9.26
CA UNK A 63 -92.00 -11.57 -10.04
C UNK A 63 -91.71 -10.83 -11.35
N UNK A 64 -92.75 -10.26 -11.96
CA UNK A 64 -92.60 -9.41 -13.15
C UNK A 64 -91.85 -8.11 -12.80
N UNK A 65 -92.37 -7.37 -11.84
CA UNK A 65 -91.67 -6.20 -11.33
C UNK A 65 -90.21 -6.57 -11.04
N UNK A 66 -89.99 -7.71 -10.39
CA UNK A 66 -88.64 -8.19 -10.12
C UNK A 66 -87.86 -8.50 -11.41
N UNK A 67 -88.58 -8.91 -12.47
CA UNK A 67 -87.97 -9.14 -13.80
C UNK A 67 -87.62 -7.80 -14.48
N UNK A 68 -88.37 -6.75 -14.13
CA UNK A 68 -88.04 -5.39 -14.56
C UNK A 68 -86.79 -4.81 -13.88
N UNK A 69 -86.24 -5.54 -12.89
CA UNK A 69 -84.96 -5.18 -12.25
C UNK A 69 -83.82 -4.95 -13.26
N GLU B 11 -114.79 -11.06 -13.90
CA GLU B 11 -113.32 -11.27 -13.74
C GLU B 11 -112.87 -10.95 -12.31
N PRO B 12 -111.62 -11.30 -11.93
CA PRO B 12 -111.21 -11.08 -10.55
C PRO B 12 -110.53 -9.72 -10.39
N PHE B 13 -110.83 -9.01 -9.31
CA PHE B 13 -110.34 -7.63 -9.16
C PHE B 13 -109.43 -7.37 -7.99
N THR B 14 -108.31 -6.72 -8.26
CA THR B 14 -107.31 -6.42 -7.25
C THR B 14 -107.03 -4.93 -7.12
N VAL B 15 -107.07 -4.47 -5.87
CA VAL B 15 -106.92 -3.07 -5.53
C VAL B 15 -105.83 -2.84 -4.48
N THR B 16 -104.85 -2.01 -4.81
CA THR B 16 -103.75 -1.72 -3.92
C THR B 16 -103.62 -0.22 -3.79
N VAL B 17 -103.54 0.27 -2.56
CA VAL B 17 -103.44 1.69 -2.30
C VAL B 17 -102.07 2.06 -1.79
N VAL B 18 -101.40 2.96 -2.49
CA VAL B 18 -100.11 3.44 -2.04
C VAL B 18 -100.30 4.74 -1.31
N ASP B 19 -99.61 4.92 -0.20
CA ASP B 19 -99.61 6.19 0.49
C ASP B 19 -98.29 6.84 0.22
N ARG B 20 -98.28 7.95 -0.50
CA ARG B 20 -97.02 8.59 -0.84
C ARG B 20 -96.44 9.42 0.29
N ASN B 21 -97.20 9.58 1.37
CA ASN B 21 -96.74 10.44 2.46
C ASN B 21 -95.32 10.13 2.81
N VAL B 22 -94.56 11.15 3.15
CA VAL B 22 -93.15 10.88 3.44
C VAL B 22 -92.99 10.43 4.88
N LYS B 23 -93.63 9.33 5.24
CA LYS B 23 -93.33 8.70 6.49
C LYS B 23 -92.55 7.45 6.07
N HIS B 24 -91.54 7.66 5.24
CA HIS B 24 -90.77 6.53 4.70
C HIS B 24 -89.49 6.31 5.47
N GLN B 25 -89.33 6.99 6.60
CA GLN B 25 -88.18 6.77 7.45
C GLN B 25 -88.62 6.60 8.90
N VAL B 40 -90.23 2.50 3.43
CA VAL B 40 -91.16 2.31 2.32
C VAL B 40 -92.43 1.56 2.73
N GLN B 41 -92.79 1.67 4.01
CA GLN B 41 -94.08 1.18 4.50
C GLN B 41 -95.18 2.10 3.97
N GLY B 42 -96.32 1.50 3.65
CA GLY B 42 -97.52 2.26 3.30
C GLY B 42 -98.14 1.82 1.99
N VAL B 43 -98.39 0.53 1.88
CA VAL B 43 -99.22 0.01 0.82
C VAL B 43 -100.26 -0.84 1.52
N MET B 44 -101.50 -0.66 1.14
CA MET B 44 -102.58 -1.21 1.88
C MET B 44 -103.31 -2.08 0.88
N PHE B 45 -104.34 -2.77 1.33
CA PHE B 45 -104.96 -3.78 0.46
C PHE B 45 -106.46 -3.88 0.66
N ALA B 46 -107.18 -3.74 -0.45
CA ALA B 46 -108.61 -3.86 -0.45
C ALA B 46 -108.90 -5.31 -0.61
N THR B 47 -109.86 -5.77 0.16
CA THR B 47 -110.12 -7.17 0.24
C THR B 47 -111.60 -7.40 0.05
N ASN B 48 -112.39 -6.83 0.94
CA ASN B 48 -113.84 -6.90 0.79
C ASN B 48 -114.21 -5.99 -0.35
N VAL B 49 -114.18 -6.57 -1.55
CA VAL B 49 -114.66 -5.87 -2.70
C VAL B 49 -116.01 -6.51 -3.03
N LYS B 50 -117.08 -5.74 -2.83
CA LYS B 50 -118.38 -6.20 -3.27
C LYS B 50 -118.60 -5.63 -4.66
N TYR B 51 -119.28 -6.41 -5.48
CA TYR B 51 -119.57 -5.99 -6.82
C TYR B 51 -121.04 -5.68 -6.85
N ILE B 52 -121.38 -4.51 -7.39
CA ILE B 52 -122.77 -4.11 -7.52
C ILE B 52 -123.16 -4.12 -8.98
N PHE B 53 -124.09 -5.00 -9.33
CA PHE B 53 -124.57 -5.16 -10.68
C PHE B 53 -125.79 -4.27 -10.84
N GLU B 54 -125.97 -3.67 -12.03
CA GLU B 54 -126.99 -2.62 -12.26
C GLU B 54 -128.28 -2.71 -11.42
N ASP B 55 -128.78 -3.94 -11.22
CA ASP B 55 -130.00 -4.21 -10.43
C ASP B 55 -129.84 -4.09 -8.90
N ASP B 56 -128.61 -3.93 -8.42
CA ASP B 56 -128.32 -3.63 -7.01
C ASP B 56 -127.99 -2.15 -6.80
N GLN B 57 -128.28 -1.64 -5.60
CA GLN B 57 -128.06 -0.23 -5.29
C GLN B 57 -126.98 0.06 -4.23
N GLU B 58 -127.12 -0.47 -3.02
CA GLU B 58 -126.25 -0.08 -1.89
C GLU B 58 -124.80 -0.39 -2.21
N ASP B 65 -123.13 -0.03 6.98
CA ASP B 65 -121.83 0.64 6.81
C ASP B 65 -121.37 1.33 8.11
N PRO B 66 -120.81 0.55 9.06
CA PRO B 66 -120.38 1.11 10.33
C PRO B 66 -118.87 1.11 10.53
N ALA B 67 -118.29 2.30 10.73
CA ALA B 67 -116.85 2.41 11.02
C ALA B 67 -116.01 1.74 9.93
N ILE B 68 -116.39 1.99 8.68
CA ILE B 68 -115.65 1.47 7.54
C ILE B 68 -114.45 2.40 7.34
N GLU B 69 -114.66 3.71 7.51
CA GLU B 69 -113.58 4.70 7.51
C GLU B 69 -112.94 4.94 6.15
N ASN B 70 -113.00 3.96 5.26
CA ASN B 70 -112.63 4.15 3.87
C ASN B 70 -113.53 3.41 2.92
N VAL B 71 -113.91 4.09 1.85
CA VAL B 71 -114.66 3.49 0.76
C VAL B 71 -113.94 3.82 -0.53
N VAL B 72 -113.98 2.89 -1.46
CA VAL B 72 -113.45 3.10 -2.79
C VAL B 72 -114.53 2.65 -3.76
N ILE B 73 -114.63 3.34 -4.90
CA ILE B 73 -115.65 3.04 -5.87
C ILE B 73 -115.06 3.00 -7.24
N ILE B 74 -115.42 1.96 -7.98
CA ILE B 74 -114.86 1.74 -9.30
C ILE B 74 -115.99 1.58 -10.28
N GLU B 75 -115.76 2.00 -11.52
CA GLU B 75 -116.78 1.84 -12.53
C GLU B 75 -116.16 1.15 -13.71
N ALA B 76 -116.96 0.39 -14.45
CA ALA B 76 -116.44 -0.51 -15.48
C ALA B 76 -117.40 -0.80 -16.63
N ASP B 77 -116.85 -0.86 -17.85
CA ASP B 77 -117.60 -1.27 -19.05
C ASP B 77 -118.36 -2.57 -18.91
N GLU B 78 -119.05 -2.90 -19.99
CA GLU B 78 -119.42 -4.28 -20.28
C GLU B 78 -118.14 -5.09 -20.43
N SER B 79 -117.17 -4.53 -21.15
CA SER B 79 -115.81 -5.07 -21.24
C SER B 79 -114.95 -4.86 -19.97
N LEU B 80 -115.58 -4.32 -18.92
CA LEU B 80 -114.91 -4.10 -17.64
C LEU B 80 -113.61 -3.32 -17.86
N ARG B 81 -113.75 -2.17 -18.51
CA ARG B 81 -112.62 -1.30 -18.86
C ARG B 81 -112.26 -0.37 -17.72
N VAL B 82 -113.16 -0.23 -16.74
CA VAL B 82 -112.79 0.43 -15.49
C VAL B 82 -112.62 1.95 -15.64
N THR B 83 -113.72 2.65 -15.90
CA THR B 83 -113.69 4.06 -16.28
C THR B 83 -113.43 5.05 -15.16
N GLN B 84 -113.73 4.67 -13.94
CA GLN B 84 -113.50 5.60 -12.85
C GLN B 84 -113.18 4.89 -11.55
N VAL B 85 -112.33 5.56 -10.78
CA VAL B 85 -112.02 5.21 -9.40
C VAL B 85 -112.24 6.39 -8.48
N GLU B 86 -112.67 6.10 -7.27
CA GLU B 86 -112.99 7.15 -6.35
C GLU B 86 -112.77 6.68 -4.93
N MET B 87 -111.99 7.44 -4.18
CA MET B 87 -111.79 7.14 -2.78
C MET B 87 -112.52 8.16 -1.92
N ILE B 88 -113.22 7.68 -0.88
CA ILE B 88 -113.88 8.53 0.11
C ILE B 88 -113.24 8.34 1.48
N SER B 89 -112.49 9.31 1.96
CA SER B 89 -111.87 9.14 3.26
C SER B 89 -111.50 10.44 3.97
N ASP B 90 -111.34 10.29 5.28
CA ASP B 90 -110.92 11.37 6.17
C ASP B 90 -109.41 11.47 6.25
N GLN B 91 -108.73 10.34 6.03
CA GLN B 91 -107.29 10.27 6.14
C GLN B 91 -106.59 9.99 4.81
N PHE B 92 -107.33 9.72 3.76
CA PHE B 92 -106.69 9.47 2.48
C PHE B 92 -107.41 10.13 1.32
N LYS B 93 -106.68 11.03 0.69
CA LYS B 93 -107.12 11.67 -0.53
C LYS B 93 -106.28 11.07 -1.60
N GLN B 94 -106.85 10.84 -2.77
CA GLN B 94 -106.03 10.30 -3.84
C GLN B 94 -105.68 11.33 -4.90
N VAL B 95 -104.45 11.24 -5.40
CA VAL B 95 -104.08 11.91 -6.64
C VAL B 95 -103.93 10.89 -7.75
N GLY B 96 -103.97 9.61 -7.41
CA GLY B 96 -103.44 8.61 -8.33
C GLY B 96 -104.45 7.63 -8.86
N TYR B 97 -104.02 6.89 -9.87
CA TYR B 97 -104.90 6.06 -10.64
C TYR B 97 -104.03 5.36 -11.67
N GLU B 98 -103.84 4.07 -11.48
CA GLU B 98 -103.05 3.27 -12.39
C GLU B 98 -103.71 1.92 -12.45
N VAL B 99 -104.23 1.57 -13.62
CA VAL B 99 -104.96 0.33 -13.79
C VAL B 99 -104.06 -0.54 -14.65
N ARG B 100 -103.88 -1.80 -14.23
CA ARG B 100 -102.85 -2.65 -14.82
C ARG B 100 -103.41 -3.91 -15.40
N ASP B 101 -102.64 -4.46 -16.34
CA ASP B 101 -103.09 -5.61 -17.08
C ASP B 101 -103.51 -6.71 -16.10
N GLY B 102 -104.65 -7.32 -16.38
CA GLY B 102 -105.27 -8.26 -15.47
C GLY B 102 -106.09 -7.58 -14.38
N ASN B 103 -106.69 -6.43 -14.70
CA ASN B 103 -107.57 -5.74 -13.75
C ASN B 103 -107.01 -5.69 -12.33
N GLU B 104 -105.82 -5.12 -12.25
CA GLU B 104 -105.17 -4.77 -10.99
C GLU B 104 -105.06 -3.27 -10.92
N VAL B 105 -105.70 -2.63 -9.95
CA VAL B 105 -105.58 -1.16 -9.83
C VAL B 105 -104.70 -0.75 -8.68
N CYS B 106 -103.95 0.34 -8.89
CA CYS B 106 -103.16 0.95 -7.85
C CYS B 106 -103.40 2.48 -7.77
N ILE B 107 -103.87 2.93 -6.61
CA ILE B 107 -104.19 4.33 -6.35
C ILE B 107 -103.11 4.95 -5.48
N ASP B 108 -102.56 6.09 -5.85
CA ASP B 108 -101.61 6.75 -4.95
C ASP B 108 -102.30 7.81 -4.14
N ALA B 109 -102.69 7.45 -2.93
CA ALA B 109 -103.23 8.40 -1.99
C ALA B 109 -102.13 9.15 -1.27
N MET B 110 -102.54 10.20 -0.56
CA MET B 110 -101.65 10.96 0.27
C MET B 110 -102.31 10.85 1.62
N SER B 111 -101.54 11.09 2.66
CA SER B 111 -102.07 11.04 4.00
C SER B 111 -101.27 12.00 4.85
N ARG B 112 -101.86 13.16 5.11
CA ARG B 112 -101.79 13.74 6.44
C ARG B 112 -100.55 14.51 6.92
N PHE B 113 -99.47 14.56 6.15
CA PHE B 113 -98.34 15.40 6.52
C PHE B 113 -98.11 15.45 8.03
N GLU B 114 -97.35 14.50 8.57
CA GLU B 114 -97.03 14.51 10.00
C GLU B 114 -95.88 15.48 10.32
N THR B 115 -95.70 15.73 11.60
CA THR B 115 -94.56 16.49 12.11
C THR B 115 -94.08 15.84 13.38
N PRO B 116 -93.69 14.56 13.29
CA PRO B 116 -93.28 13.87 14.50
C PRO B 116 -92.06 14.56 15.10
N ARG B 117 -91.86 14.39 16.40
CA ARG B 117 -90.71 15.00 17.06
C ARG B 117 -89.40 14.35 16.58
N GLN B 118 -89.44 13.02 16.39
CA GLN B 118 -88.26 12.19 16.08
C GLN B 118 -87.35 12.67 14.95
N LEU B 119 -87.92 13.36 13.97
CA LEU B 119 -87.09 13.98 12.94
C LEU B 119 -86.38 15.15 13.61
N GLY B 120 -85.44 15.75 12.88
CA GLY B 120 -84.58 16.78 13.45
C GLY B 120 -83.20 16.18 13.69
N ASN B 121 -83.19 14.87 13.93
CA ASN B 121 -81.95 14.10 14.02
C ASN B 121 -81.28 13.93 12.68
N LEU B 122 -82.00 14.28 11.60
CA LEU B 122 -81.60 13.88 10.25
C LEU B 122 -80.84 14.99 9.59
N PRO B 123 -79.90 14.63 8.70
CA PRO B 123 -79.08 15.67 8.10
C PRO B 123 -79.96 16.67 7.45
N LEU B 124 -79.58 17.92 7.54
CA LEU B 124 -80.34 18.97 6.92
C LEU B 124 -80.57 18.67 5.42
N GLU B 125 -79.51 18.27 4.72
CA GLU B 125 -79.66 17.80 3.34
C GLU B 125 -80.85 16.88 3.16
N LYS B 126 -81.10 15.99 4.11
CA LYS B 126 -82.27 15.15 4.02
C LYS B 126 -83.53 15.96 4.24
N LEU B 127 -83.51 16.83 5.25
CA LEU B 127 -84.70 17.58 5.61
C LEU B 127 -85.07 18.50 4.47
N VAL B 128 -84.08 19.16 3.89
CA VAL B 128 -84.34 20.01 2.75
C VAL B 128 -85.03 19.23 1.61
N GLN B 129 -84.59 18.00 1.36
CA GLN B 129 -85.22 17.18 0.34
C GLN B 129 -86.66 16.89 0.69
N LEU B 130 -86.92 16.59 1.95
CA LEU B 130 -88.26 16.24 2.39
C LEU B 130 -89.24 17.38 2.30
N TYR B 131 -88.80 18.56 2.66
CA TYR B 131 -89.60 19.74 2.47
C TYR B 131 -89.97 19.83 0.98
N LYS B 132 -88.96 19.86 0.10
CA LYS B 132 -89.23 19.93 -1.35
C LYS B 132 -90.31 18.96 -1.76
N LEU B 133 -90.09 17.70 -1.48
CA LEU B 133 -91.04 16.67 -1.85
C LEU B 133 -92.41 16.97 -1.26
N GLN B 134 -92.49 17.36 0.01
CA GLN B 134 -93.78 17.68 0.61
C GLN B 134 -94.46 18.78 -0.16
N ASN B 135 -93.67 19.72 -0.65
CA ASN B 135 -94.21 20.78 -1.46
C ASN B 135 -94.90 20.28 -2.72
N ASP B 136 -94.20 19.46 -3.48
CA ASP B 136 -94.78 18.82 -4.64
C ASP B 136 -96.05 18.08 -4.23
N GLN B 137 -95.99 17.26 -3.20
CA GLN B 137 -97.18 16.53 -2.78
C GLN B 137 -98.32 17.49 -2.54
N LEU B 138 -98.02 18.67 -2.00
CA LEU B 138 -99.03 19.69 -1.81
C LEU B 138 -99.53 20.18 -3.16
N HIS B 139 -98.60 20.63 -3.99
CA HIS B 139 -98.94 21.09 -5.31
C HIS B 139 -99.98 20.17 -5.90
N SER B 140 -99.69 18.88 -5.90
CA SER B 140 -100.59 17.92 -6.49
C SER B 140 -101.94 17.94 -5.85
N LEU B 141 -101.96 17.90 -4.53
CA LEU B 141 -103.22 17.93 -3.82
C LEU B 141 -104.04 19.13 -4.19
N PHE B 142 -103.38 20.28 -4.27
CA PHE B 142 -104.05 21.52 -4.59
C PHE B 142 -104.74 21.41 -5.95
N ASN B 143 -104.07 20.81 -6.93
CA ASN B 143 -104.70 20.60 -8.23
C ASN B 143 -105.95 19.77 -8.17
N THR B 144 -105.99 18.79 -7.28
CA THR B 144 -107.16 17.94 -7.17
C THR B 144 -108.40 18.68 -6.65
N LEU B 145 -108.29 19.98 -6.39
CA LEU B 145 -109.47 20.74 -5.93
C LEU B 145 -110.61 20.93 -6.98
N ASN C 2 -166.40 -5.09 -27.47
CA ASN C 2 -165.23 -5.00 -26.54
C ASN C 2 -163.98 -4.36 -27.16
N GLU C 3 -163.75 -4.63 -28.46
CA GLU C 3 -162.59 -4.08 -29.20
C GLU C 3 -162.50 -2.56 -29.13
N ALA C 4 -163.65 -1.88 -29.20
CA ALA C 4 -163.71 -0.42 -29.08
C ALA C 4 -163.38 0.03 -27.66
N VAL C 5 -163.94 -0.65 -26.66
CA VAL C 5 -163.76 -0.25 -25.26
C VAL C 5 -162.30 -0.38 -24.79
N ILE C 6 -161.66 -1.50 -25.15
CA ILE C 6 -160.24 -1.75 -24.80
C ILE C 6 -159.29 -0.73 -25.43
N GLU C 7 -159.45 -0.48 -26.72
CA GLU C 7 -158.59 0.45 -27.45
C GLU C 7 -158.68 1.86 -26.84
N LYS C 8 -159.86 2.25 -26.37
CA LYS C 8 -160.06 3.55 -25.74
C LYS C 8 -159.32 3.66 -24.41
N LEU C 9 -159.41 2.61 -23.60
CA LEU C 9 -158.77 2.59 -22.29
C LEU C 9 -157.24 2.50 -22.36
N LEU C 10 -156.74 1.78 -23.35
CA LEU C 10 -155.31 1.74 -23.62
C LEU C 10 -154.80 3.11 -24.01
N GLU C 11 -155.55 3.76 -24.90
CA GLU C 11 -155.14 5.03 -25.48
C GLU C 11 -155.18 6.18 -24.52
N ASN C 12 -156.04 6.11 -23.52
CA ASN C 12 -155.99 7.06 -22.42
C ASN C 12 -154.81 6.77 -21.50
N SER C 13 -154.48 5.49 -21.33
CA SER C 13 -153.33 5.08 -20.51
C SER C 13 -152.04 5.58 -21.12
N ARG C 14 -151.79 5.16 -22.36
CA ARG C 14 -150.57 5.49 -23.08
C ARG C 14 -150.28 6.98 -23.10
N LYS C 15 -151.31 7.79 -23.40
CA LYS C 15 -151.18 9.26 -23.43
C LYS C 15 -150.62 9.76 -22.11
N PHE C 16 -151.23 9.30 -21.03
CA PHE C 16 -150.76 9.63 -19.69
C PHE C 16 -149.36 9.06 -19.40
N LEU C 17 -149.19 7.76 -19.56
CA LEU C 17 -147.87 7.13 -19.36
C LEU C 17 -146.76 7.96 -20.00
N THR C 18 -146.84 8.12 -21.31
CA THR C 18 -145.73 8.68 -22.06
C THR C 18 -145.61 10.16 -21.73
N GLY C 19 -146.67 10.72 -21.18
CA GLY C 19 -146.62 12.08 -20.67
C GLY C 19 -145.90 12.15 -19.35
N ALA C 20 -146.19 11.21 -18.45
CA ALA C 20 -145.51 11.16 -17.13
C ALA C 20 -144.04 10.87 -17.28
N LYS C 21 -143.70 9.97 -18.19
CA LYS C 21 -142.30 9.67 -18.50
C LYS C 21 -141.48 10.93 -18.76
N LEU C 22 -142.08 11.85 -19.52
CA LEU C 22 -141.43 13.09 -19.89
C LEU C 22 -141.28 14.05 -18.74
N ILE C 23 -142.38 14.29 -18.02
CA ILE C 23 -142.32 15.20 -16.90
C ILE C 23 -141.28 14.69 -15.90
N CYS C 24 -141.36 13.40 -15.55
CA CYS C 24 -140.37 12.79 -14.67
C CYS C 24 -139.01 13.04 -15.24
N GLN C 25 -138.74 12.48 -16.40
CA GLN C 25 -137.47 12.65 -17.07
C GLN C 25 -136.81 13.97 -16.73
N GLU C 26 -137.52 15.06 -16.94
CA GLU C 26 -136.96 16.38 -16.72
C GLU C 26 -136.58 16.65 -15.28
N SER C 27 -137.51 16.39 -14.38
CA SER C 27 -137.31 16.67 -12.97
C SER C 27 -136.27 15.77 -12.32
N ASN C 28 -136.27 14.50 -12.73
CA ASN C 28 -135.26 13.58 -12.25
C ASN C 28 -133.88 14.04 -12.67
N ASP C 29 -133.71 14.28 -13.96
CA ASP C 29 -132.45 14.87 -14.45
C ASP C 29 -131.99 15.95 -13.47
N HIS C 30 -132.81 16.97 -13.30
CA HIS C 30 -132.48 18.04 -12.38
C HIS C 30 -132.02 17.49 -11.05
N LEU C 31 -132.77 16.55 -10.50
CA LEU C 31 -132.41 15.98 -9.19
C LEU C 31 -131.06 15.32 -9.17
N THR C 32 -130.76 14.48 -10.15
CA THR C 32 -129.48 13.83 -10.16
C THR C 32 -128.37 14.85 -10.32
N THR C 33 -128.59 15.88 -11.15
CA THR C 33 -127.52 16.87 -11.41
C THR C 33 -127.22 17.68 -10.18
N THR C 34 -128.25 17.97 -9.41
CA THR C 34 -128.08 18.68 -8.15
C THR C 34 -127.34 17.82 -7.13
N LYS C 35 -127.86 16.63 -6.84
CA LYS C 35 -127.14 15.72 -5.98
C LYS C 35 -125.66 15.77 -6.35
N LEU C 36 -125.38 15.64 -7.63
CA LEU C 36 -123.99 15.70 -8.08
C LEU C 36 -123.27 16.92 -7.58
N ARG C 37 -123.92 18.08 -7.68
CA ARG C 37 -123.26 19.33 -7.33
C ARG C 37 -122.94 19.36 -5.85
N ILE C 38 -123.87 18.91 -5.02
CA ILE C 38 -123.64 18.90 -3.58
C ILE C 38 -122.55 17.90 -3.20
N ARG C 39 -122.49 16.79 -3.93
CA ARG C 39 -121.47 15.81 -3.66
C ARG C 39 -120.15 16.47 -3.96
N GLU C 40 -119.98 17.04 -5.16
CA GLU C 40 -118.73 17.76 -5.49
C GLU C 40 -118.32 18.71 -4.39
N TRP C 41 -119.28 19.43 -3.87
CA TRP C 41 -119.05 20.27 -2.71
C TRP C 41 -118.57 19.44 -1.54
N GLN C 42 -119.40 18.50 -1.08
CA GLN C 42 -119.06 17.64 0.05
C GLN C 42 -117.61 17.17 -0.04
N LYS C 43 -117.23 16.70 -1.22
CA LYS C 43 -115.87 16.28 -1.48
C LYS C 43 -114.96 17.43 -1.27
N PHE C 44 -115.17 18.49 -2.03
CA PHE C 44 -114.33 19.64 -1.87
C PHE C 44 -114.12 19.99 -0.39
N GLN C 45 -115.18 20.18 0.38
CA GLN C 45 -115.02 20.49 1.82
C GLN C 45 -113.99 19.60 2.50
N SER C 46 -114.09 18.31 2.22
CA SER C 46 -113.14 17.35 2.73
C SER C 46 -111.74 17.69 2.21
N LYS C 47 -111.58 17.85 0.89
CA LYS C 47 -110.23 18.02 0.31
C LYS C 47 -109.61 19.25 0.92
N LEU C 48 -110.40 20.29 1.08
CA LEU C 48 -109.91 21.51 1.70
C LEU C 48 -109.40 21.22 3.11
N HIS C 49 -110.30 20.75 3.97
CA HIS C 49 -109.92 20.36 5.33
C HIS C 49 -108.55 19.69 5.36
N PHE C 50 -108.42 18.66 4.54
CA PHE C 50 -107.21 17.88 4.43
C PHE C 50 -106.04 18.74 4.00
N VAL C 51 -106.21 19.54 2.97
CA VAL C 51 -105.08 20.29 2.47
C VAL C 51 -104.64 21.29 3.50
N LEU C 52 -105.58 21.89 4.20
CA LEU C 52 -105.21 22.80 5.29
C LEU C 52 -104.37 22.11 6.36
N ASP C 53 -104.87 20.99 6.87
CA ASP C 53 -104.10 20.19 7.78
C ASP C 53 -102.67 20.11 7.27
N CYS C 54 -102.51 19.70 6.01
CA CYS C 54 -101.18 19.50 5.46
C CYS C 54 -100.37 20.76 5.42
N ILE C 55 -100.98 21.85 5.01
CA ILE C 55 -100.21 23.07 4.87
C ILE C 55 -99.68 23.48 6.24
N GLN C 56 -100.52 23.32 7.25
CA GLN C 56 -100.13 23.61 8.62
C GLN C 56 -99.01 22.67 9.09
N GLN C 57 -99.12 21.40 8.75
CA GLN C 57 -98.08 20.47 9.12
C GLN C 57 -96.80 20.74 8.39
N GLN C 58 -96.90 21.13 7.13
CA GLN C 58 -95.71 21.42 6.39
C GLN C 58 -95.06 22.69 6.89
N THR C 59 -95.85 23.63 7.38
CA THR C 59 -95.27 24.86 7.90
C THR C 59 -94.57 24.58 9.20
N LYS C 60 -95.31 23.95 10.11
CA LYS C 60 -94.77 23.60 11.41
C LYS C 60 -93.45 22.84 11.21
N PHE C 61 -93.51 21.74 10.46
CA PHE C 61 -92.30 21.04 10.03
C PHE C 61 -91.23 22.04 9.65
N LEU C 62 -91.42 22.79 8.59
CA LEU C 62 -90.42 23.74 8.21
C LEU C 62 -89.95 24.50 9.44
N SER C 63 -90.89 25.07 10.17
CA SER C 63 -90.51 26.02 11.21
C SER C 63 -89.74 25.37 12.35
N GLU C 64 -90.36 24.38 12.99
CA GLU C 64 -89.80 23.76 14.18
C GLU C 64 -88.68 22.84 13.82
N ILE C 65 -88.96 21.89 12.95
CA ILE C 65 -87.97 20.87 12.63
C ILE C 65 -86.84 21.42 11.77
N LEU C 66 -87.14 21.80 10.55
CA LEU C 66 -86.07 22.17 9.67
C LEU C 66 -85.33 23.37 10.23
N LEU C 67 -85.99 24.50 10.31
CA LEU C 67 -85.31 25.72 10.71
C LEU C 67 -84.84 25.68 12.15
N ARG C 68 -85.77 25.52 13.06
CA ARG C 68 -85.50 25.70 14.47
C ARG C 68 -84.53 24.64 14.91
N GLU C 69 -84.93 23.38 14.72
CA GLU C 69 -84.14 22.28 15.19
C GLU C 69 -82.95 22.16 14.24
N GLY C 70 -83.20 21.61 13.06
CA GLY C 70 -82.15 21.18 12.17
C GLY C 70 -81.09 22.24 11.93
N ILE C 71 -81.49 23.41 11.45
CA ILE C 71 -80.53 24.45 11.14
C ILE C 71 -80.12 25.19 12.38
N GLY C 72 -81.10 25.74 13.05
CA GLY C 72 -80.83 26.75 14.05
C GLY C 72 -80.07 26.17 15.21
N ARG C 73 -80.54 25.03 15.67
CA ARG C 73 -80.05 24.47 16.90
C ARG C 73 -78.86 23.59 16.65
N ASN C 74 -79.04 22.55 15.82
CA ASN C 74 -77.96 21.60 15.59
C ASN C 74 -76.80 22.14 14.81
N LEU C 75 -77.04 22.93 13.80
CA LEU C 75 -75.91 23.51 13.10
C LEU C 75 -75.32 24.69 13.82
N ILE C 76 -76.17 25.65 14.16
CA ILE C 76 -75.67 26.91 14.73
C ILE C 76 -75.08 26.64 16.09
N GLU C 77 -75.82 25.94 16.94
CA GLU C 77 -75.37 25.77 18.30
C GLU C 77 -74.38 24.61 18.43
N GLU C 78 -74.77 23.41 17.99
CA GLU C 78 -73.88 22.26 18.12
C GLU C 78 -72.64 22.36 17.25
N GLU C 79 -72.84 22.55 15.96
CA GLU C 79 -71.78 22.30 15.02
C GLU C 79 -70.89 23.51 14.93
N TRP C 80 -71.45 24.64 14.58
CA TRP C 80 -70.60 25.76 14.27
C TRP C 80 -70.24 26.55 15.50
N SER C 81 -71.17 26.62 16.45
CA SER C 81 -70.99 27.49 17.60
C SER C 81 -69.92 26.92 18.52
N GLN C 82 -70.00 25.62 18.80
CA GLN C 82 -69.00 25.00 19.64
C GLN C 82 -67.95 24.22 18.80
N THR C 83 -68.37 23.21 18.06
CA THR C 83 -67.44 22.27 17.48
C THR C 83 -66.48 22.86 16.47
N VAL C 84 -66.93 23.78 15.66
CA VAL C 84 -66.05 24.29 14.64
C VAL C 84 -65.31 25.50 15.11
N LEU C 85 -65.98 26.38 15.85
CA LEU C 85 -65.39 27.67 16.21
C LEU C 85 -64.71 27.68 17.57
N VAL C 86 -65.06 26.70 18.40
CA VAL C 86 -64.41 26.53 19.67
C VAL C 86 -63.51 25.30 19.56
N ARG C 87 -64.09 24.12 19.47
CA ARG C 87 -63.30 22.89 19.61
C ARG C 87 -62.19 22.82 18.56
N LEU C 88 -62.55 22.94 17.29
CA LEU C 88 -61.57 22.80 16.25
C LEU C 88 -60.43 23.76 16.44
N VAL C 89 -60.75 25.01 16.71
CA VAL C 89 -59.72 26.05 16.80
C VAL C 89 -58.77 25.74 17.93
N ASN C 90 -59.34 25.36 19.06
CA ASN C 90 -58.56 24.88 20.17
C ASN C 90 -57.53 23.87 19.74
N ASP C 91 -58.01 22.74 19.22
CA ASP C 91 -57.10 21.69 18.81
C ASP C 91 -56.14 22.23 17.79
N MET C 92 -56.67 22.90 16.80
CA MET C 92 -55.80 23.49 15.79
C MET C 92 -54.70 24.33 16.47
N LYS C 93 -55.10 25.30 17.28
CA LYS C 93 -54.17 26.29 17.84
C LYS C 93 -53.11 25.59 18.70
N PHE C 94 -53.56 24.54 19.39
CA PHE C 94 -52.69 23.71 20.22
C PHE C 94 -51.56 23.08 19.40
N TRP C 95 -51.91 22.20 18.47
CA TRP C 95 -50.91 21.48 17.69
C TRP C 95 -49.98 22.42 16.97
N GLN C 96 -50.51 23.44 16.32
CA GLN C 96 -49.64 24.41 15.67
C GLN C 96 -48.59 24.87 16.63
N ASN C 97 -49.02 25.26 17.83
CA ASN C 97 -48.10 25.72 18.84
C ASN C 97 -47.04 24.65 19.14
N GLU C 98 -47.50 23.44 19.41
CA GLU C 98 -46.59 22.32 19.70
C GLU C 98 -45.53 22.11 18.66
N ILE C 99 -45.93 22.10 17.41
CA ILE C 99 -44.97 21.94 16.34
C ILE C 99 -44.04 23.12 16.29
N THR C 100 -44.53 24.29 16.66
CA THR C 100 -43.69 25.47 16.60
C THR C 100 -42.69 25.43 17.74
N LYS C 101 -43.09 24.85 18.86
CA LYS C 101 -42.15 24.61 19.94
C LYS C 101 -41.04 23.66 19.49
N MET C 102 -41.43 22.52 18.96
CA MET C 102 -40.44 21.57 18.46
C MET C 102 -39.49 22.19 17.46
N MET C 103 -40.02 22.90 16.47
CA MET C 103 -39.19 23.54 15.46
C MET C 103 -38.21 24.52 16.07
N ASN C 104 -38.68 25.31 17.03
CA ASN C 104 -37.81 26.27 17.71
C ASN C 104 -36.74 25.55 18.49
N LYS C 105 -37.14 24.53 19.24
CA LYS C 105 -36.21 23.70 20.01
C LYS C 105 -35.05 23.19 19.13
N LEU C 106 -35.38 22.79 17.92
CA LEU C 106 -34.37 22.34 16.97
C LEU C 106 -33.51 23.48 16.47
N ASP C 107 -34.09 24.66 16.23
CA ASP C 107 -33.29 25.80 15.77
C ASP C 107 -32.52 26.41 16.94
N ASN C 108 -32.76 25.89 18.14
CA ASN C 108 -32.08 26.35 19.32
C ASN C 108 -31.22 25.25 19.91
N ILE C 109 -31.03 24.18 19.15
CA ILE C 109 -30.23 23.05 19.63
C ILE C 109 -28.75 23.35 19.50
N THR C 110 -27.92 22.54 20.15
CA THR C 110 -26.47 22.73 20.10
C THR C 110 -25.92 22.80 18.67
N ASN C 111 -26.43 21.96 17.75
CA ASN C 111 -26.00 22.05 16.35
C ASN C 111 -25.50 20.69 15.85
N GLU C 112 -25.39 20.52 14.52
CA GLU C 112 -24.81 19.32 13.91
C GLU C 112 -23.82 18.74 14.88
N ILE C 113 -22.95 19.62 15.37
CA ILE C 113 -21.78 19.26 16.16
C ILE C 113 -20.65 18.84 15.21
N ASP C 114 -20.74 19.25 13.95
CA ASP C 114 -19.77 18.83 12.95
C ASP C 114 -19.20 20.06 12.21
N GLN C 115 -17.90 20.25 12.38
CA GLN C 115 -17.07 21.23 11.65
C GLN C 115 -17.47 22.69 11.90
N GLN C 116 -17.74 23.47 10.85
CA GLN C 116 -18.18 24.86 10.97
C GLN C 116 -19.63 24.99 11.42
N HIS C 117 -19.93 26.12 12.07
CA HIS C 117 -21.24 26.33 12.67
C HIS C 117 -22.32 26.32 11.60
N ASN C 118 -23.48 25.81 11.99
CA ASN C 118 -24.57 25.48 11.09
C ASN C 118 -25.88 25.70 11.83
N SER C 119 -26.98 25.87 11.07
CA SER C 119 -28.29 26.13 11.69
C SER C 119 -28.72 24.91 12.50
N LYS C 120 -28.14 24.84 13.71
CA LYS C 120 -28.56 23.93 14.78
C LYS C 120 -28.93 22.56 14.21
N LEU C 121 -30.17 22.11 14.35
CA LEU C 121 -30.68 20.99 13.56
C LEU C 121 -31.63 21.49 12.48
N GLY C 122 -32.32 22.59 12.79
CA GLY C 122 -33.29 23.19 11.89
C GLY C 122 -32.94 23.17 10.42
N ASP C 123 -31.72 23.57 10.07
CA ASP C 123 -31.34 23.72 8.67
C ASP C 123 -31.65 22.46 7.86
N PHE C 124 -31.68 21.32 8.55
CA PHE C 124 -31.96 20.06 7.90
C PHE C 124 -33.33 19.62 8.33
N ILE C 125 -34.35 20.15 7.66
CA ILE C 125 -35.73 19.90 8.07
C ILE C 125 -36.66 20.41 6.96
N SER C 126 -37.96 20.12 7.05
CA SER C 126 -38.91 20.62 6.06
C SER C 126 -39.95 21.50 6.74
N ARG C 127 -39.93 22.78 6.38
CA ARG C 127 -40.85 23.79 6.92
C ARG C 127 -42.15 23.86 6.14
N ASP C 128 -42.07 23.73 4.82
CA ASP C 128 -43.26 23.61 4.01
C ASP C 128 -44.20 22.63 4.72
N SER C 129 -45.42 23.08 4.99
CA SER C 129 -46.42 22.28 5.68
C SER C 129 -46.31 22.32 7.21
N SER C 130 -45.26 22.96 7.75
CA SER C 130 -45.21 23.27 9.17
C SER C 130 -46.42 24.09 9.57
N HIS C 131 -46.57 25.23 8.89
CA HIS C 131 -47.59 26.21 9.26
C HIS C 131 -48.88 26.07 8.47
N ILE C 132 -49.27 24.81 8.25
CA ILE C 132 -50.49 24.49 7.56
C ILE C 132 -51.73 24.92 8.36
N LEU C 133 -51.63 24.90 9.70
CA LEU C 133 -52.78 25.23 10.53
C LEU C 133 -53.07 26.72 10.56
N ASP C 134 -52.04 27.55 10.58
CA ASP C 134 -52.22 29.00 10.56
C ASP C 134 -53.03 29.53 9.39
N SER C 135 -52.79 28.96 8.22
CA SER C 135 -53.58 29.31 7.05
C SER C 135 -55.04 29.06 7.35
N LYS C 136 -55.35 27.90 7.94
CA LYS C 136 -56.74 27.60 8.25
C LYS C 136 -57.24 28.44 9.38
N LEU C 137 -56.36 28.68 10.32
CA LEU C 137 -56.66 29.55 11.39
C LEU C 137 -57.07 30.91 10.82
N ASN C 138 -56.41 31.36 9.75
CA ASN C 138 -56.88 32.53 8.99
C ASN C 138 -58.26 32.44 8.33
N GLU C 139 -58.59 31.26 7.83
CA GLU C 139 -59.90 31.04 7.26
C GLU C 139 -60.97 31.23 8.34
N ILE C 140 -60.59 31.00 9.58
CA ILE C 140 -61.58 30.88 10.64
C ILE C 140 -62.39 32.16 10.98
N PRO C 141 -61.76 33.35 10.91
CA PRO C 141 -62.61 34.53 11.02
C PRO C 141 -63.62 34.52 9.89
N THR C 142 -63.12 34.48 8.66
CA THR C 142 -64.00 34.64 7.53
C THR C 142 -65.14 33.68 7.73
N ILE C 143 -64.85 32.46 8.16
CA ILE C 143 -65.89 31.49 8.41
C ILE C 143 -66.83 31.95 9.50
N ARG C 144 -66.32 32.56 10.55
CA ARG C 144 -67.22 33.04 11.59
C ARG C 144 -68.27 33.96 10.93
N LYS C 145 -67.77 34.91 10.15
CA LYS C 145 -68.62 35.84 9.41
C LYS C 145 -69.76 35.13 8.69
N GLN C 146 -69.44 34.07 7.97
CA GLN C 146 -70.46 33.28 7.29
C GLN C 146 -71.47 32.77 8.29
N VAL C 147 -71.01 32.28 9.43
CA VAL C 147 -71.95 31.73 10.39
C VAL C 147 -72.89 32.84 10.88
N GLU C 148 -72.35 34.05 10.97
CA GLU C 148 -73.13 35.21 11.34
C GLU C 148 -74.21 35.55 10.31
N ASN C 149 -73.87 35.56 9.03
CA ASN C 149 -74.91 35.71 8.00
C ASN C 149 -75.96 34.68 8.17
N ILE C 150 -75.58 33.41 8.10
CA ILE C 150 -76.57 32.37 8.19
C ILE C 150 -77.44 32.61 9.39
N THR C 151 -76.82 32.91 10.51
CA THR C 151 -77.63 32.99 11.72
C THR C 151 -78.67 34.11 11.58
N ARG C 152 -78.25 35.29 11.12
CA ARG C 152 -79.19 36.40 10.98
C ARG C 152 -80.25 36.15 9.91
N GLN C 153 -79.90 35.47 8.81
CA GLN C 153 -80.91 35.12 7.81
C GLN C 153 -81.90 34.17 8.49
N TYR C 154 -81.38 33.18 9.19
CA TYR C 154 -82.21 32.22 9.93
C TYR C 154 -83.27 32.86 10.81
N GLN C 155 -82.91 33.95 11.48
CA GLN C 155 -83.84 34.66 12.34
C GLN C 155 -84.94 35.20 11.42
N THR C 156 -84.55 36.10 10.53
CA THR C 156 -85.43 36.62 9.47
C THR C 156 -86.41 35.56 8.99
N MET C 157 -85.89 34.54 8.31
CA MET C 157 -86.72 33.47 7.79
C MET C 157 -87.63 32.96 8.90
N LEU C 158 -87.05 32.67 10.05
CA LEU C 158 -87.82 32.06 11.10
C LEU C 158 -88.99 32.93 11.43
N ALA C 159 -88.73 34.20 11.67
CA ALA C 159 -89.77 35.10 12.12
C ALA C 159 -90.87 35.16 11.09
N LYS C 160 -90.47 35.57 9.89
CA LYS C 160 -91.35 35.62 8.75
C LYS C 160 -92.32 34.45 8.80
N VAL C 161 -91.79 33.26 8.59
CA VAL C 161 -92.58 32.04 8.60
C VAL C 161 -93.45 31.96 9.82
N GLN C 162 -92.79 31.91 10.97
CA GLN C 162 -93.45 31.53 12.20
C GLN C 162 -94.56 32.50 12.53
N SER C 163 -94.23 33.79 12.51
CA SER C 163 -95.20 34.80 12.86
C SER C 163 -96.23 34.92 11.74
N GLN C 164 -95.78 35.39 10.59
CA GLN C 164 -96.69 35.83 9.53
C GLN C 164 -97.62 34.74 9.05
N LEU C 165 -97.07 33.57 8.78
CA LEU C 165 -97.87 32.50 8.22
C LEU C 165 -98.85 31.96 9.25
N VAL C 166 -98.36 31.51 10.40
CA VAL C 166 -99.25 30.82 11.36
C VAL C 166 -100.39 31.72 11.87
N GLU C 167 -100.12 33.01 12.10
CA GLU C 167 -101.10 33.86 12.77
C GLU C 167 -102.20 34.38 11.85
N SER C 168 -101.82 35.07 10.78
CA SER C 168 -102.79 35.83 10.01
C SER C 168 -103.57 34.88 9.12
N ARG C 169 -102.81 34.07 8.39
CA ARG C 169 -103.39 33.14 7.45
C ARG C 169 -104.10 32.04 8.24
N MET C 170 -103.34 31.25 8.99
CA MET C 170 -103.85 30.00 9.60
C MET C 170 -105.04 30.20 10.54
N LYS C 171 -105.09 31.35 11.23
CA LYS C 171 -106.26 31.70 12.07
C LYS C 171 -107.40 32.24 11.20
N GLY C 172 -107.07 33.11 10.26
CA GLY C 172 -108.04 33.60 9.29
C GLY C 172 -108.71 32.46 8.54
N LEU C 173 -107.89 31.54 8.00
CA LEU C 173 -108.38 30.36 7.27
C LEU C 173 -109.24 29.42 8.11
N ARG C 174 -108.83 29.19 9.35
CA ARG C 174 -109.61 28.41 10.31
C ARG C 174 -111.00 29.01 10.49
N ASP C 175 -111.05 30.34 10.61
CA ASP C 175 -112.30 31.08 10.79
C ASP C 175 -113.17 31.01 9.54
N GLU C 176 -112.54 30.99 8.37
CA GLU C 176 -113.24 30.82 7.10
C GLU C 176 -113.91 29.45 7.11
N PHE C 177 -113.14 28.46 7.54
CA PHE C 177 -113.59 27.07 7.58
C PHE C 177 -114.74 26.85 8.57
N SER C 178 -114.68 27.48 9.75
CA SER C 178 -115.75 27.37 10.76
C SER C 178 -117.07 27.95 10.23
N GLU C 193 -126.85 18.51 4.88
CA GLU C 193 -127.27 17.35 4.10
C GLU C 193 -128.75 17.04 4.38
N GLU C 194 -129.41 18.04 4.96
CA GLU C 194 -130.88 18.13 5.03
C GLU C 194 -131.40 18.19 3.60
N PHE C 195 -130.72 19.01 2.79
CA PHE C 195 -131.05 19.23 1.38
C PHE C 195 -130.95 17.93 0.61
N THR C 196 -129.87 17.17 0.84
CA THR C 196 -129.71 15.85 0.21
C THR C 196 -130.91 14.99 0.50
N ASN C 197 -131.28 14.93 1.78
CA ASN C 197 -132.45 14.18 2.23
C ASN C 197 -133.69 14.46 1.39
N GLU C 198 -134.07 15.74 1.32
CA GLU C 198 -135.19 16.17 0.49
C GLU C 198 -135.08 15.52 -0.88
N ALA C 199 -134.00 15.83 -1.60
CA ALA C 199 -133.81 15.34 -2.96
C ALA C 199 -134.10 13.85 -3.12
N ASP C 200 -133.67 13.05 -2.15
CA ASP C 200 -133.89 11.60 -2.24
C ASP C 200 -135.37 11.31 -2.17
N GLN C 201 -136.06 11.90 -1.19
CA GLN C 201 -137.47 11.64 -1.02
C GLN C 201 -138.26 12.03 -2.28
N LEU C 202 -137.78 13.07 -2.98
CA LEU C 202 -138.40 13.52 -4.22
C LEU C 202 -138.09 12.58 -5.36
N GLU C 203 -136.84 12.14 -5.49
CA GLU C 203 -136.54 11.10 -6.47
C GLU C 203 -137.50 9.94 -6.27
N GLN C 204 -137.83 9.65 -5.01
CA GLN C 204 -138.77 8.59 -4.67
C GLN C 204 -140.16 8.88 -5.24
N GLU C 205 -140.70 10.07 -4.95
CA GLU C 205 -142.09 10.38 -5.35
C GLU C 205 -142.29 10.29 -6.84
N LEU C 206 -141.32 10.83 -7.58
CA LEU C 206 -141.33 10.74 -9.03
C LEU C 206 -141.36 9.28 -9.48
N ALA C 207 -140.50 8.46 -8.89
CA ALA C 207 -140.45 7.02 -9.18
C ALA C 207 -141.75 6.29 -8.82
N ASP C 208 -142.45 6.75 -7.77
CA ASP C 208 -143.77 6.18 -7.41
C ASP C 208 -144.72 6.34 -8.57
N PHE C 209 -144.90 7.60 -8.95
CA PHE C 209 -145.91 7.98 -9.92
C PHE C 209 -145.66 7.35 -11.28
N LEU C 210 -144.42 7.39 -11.76
CA LEU C 210 -144.09 6.73 -13.02
C LEU C 210 -144.38 5.23 -12.92
N LYS C 211 -143.98 4.61 -11.82
CA LYS C 211 -144.26 3.18 -11.59
C LYS C 211 -145.77 2.88 -11.55
N SER C 212 -146.58 3.84 -11.09
CA SER C 212 -148.05 3.69 -11.10
C SER C 212 -148.55 3.63 -12.53
N PHE C 213 -148.09 4.58 -13.32
CA PHE C 213 -148.46 4.68 -14.72
C PHE C 213 -147.99 3.44 -15.45
N THR C 214 -146.69 3.17 -15.35
CA THR C 214 -146.10 2.05 -16.08
C THR C 214 -146.83 0.73 -15.77
N ASP C 215 -147.15 0.48 -14.50
CA ASP C 215 -147.89 -0.75 -14.15
C ASP C 215 -149.32 -0.71 -14.71
N HIS C 216 -150.02 0.41 -14.56
CA HIS C 216 -151.38 0.56 -15.08
C HIS C 216 -151.44 0.26 -16.58
N PHE C 217 -150.61 0.98 -17.34
CA PHE C 217 -150.41 0.67 -18.76
C PHE C 217 -150.15 -0.82 -18.95
N ASP C 218 -149.24 -1.38 -18.15
CA ASP C 218 -148.91 -2.82 -18.21
C ASP C 218 -150.14 -3.73 -18.05
N LYS C 219 -151.05 -3.35 -17.14
CA LYS C 219 -152.30 -4.11 -16.92
C LYS C 219 -153.09 -4.03 -18.19
N CYS C 220 -153.30 -2.79 -18.64
CA CYS C 220 -154.03 -2.50 -19.85
C CYS C 220 -153.44 -3.25 -21.07
N SER C 221 -152.12 -3.19 -21.27
CA SER C 221 -151.46 -3.93 -22.38
C SER C 221 -151.57 -5.45 -22.23
N ALA C 222 -151.55 -5.93 -20.99
CA ALA C 222 -151.73 -7.37 -20.72
C ALA C 222 -153.06 -7.88 -21.28
N LEU C 223 -154.05 -6.99 -21.31
CA LEU C 223 -155.38 -7.31 -21.86
C LEU C 223 -155.39 -7.09 -23.37
N SER C 224 -154.38 -7.67 -24.02
CA SER C 224 -154.35 -7.84 -25.46
C SER C 224 -154.20 -9.35 -25.75
N SER C 225 -154.57 -10.17 -24.76
CA SER C 225 -154.44 -11.64 -24.79
C SER C 225 -153.01 -12.20 -24.55
N ARG C 226 -152.04 -11.35 -24.19
CA ARG C 226 -150.65 -11.79 -23.98
C ARG C 226 -150.53 -12.87 -22.91
N SER C 227 -151.31 -12.71 -21.84
CA SER C 227 -151.41 -13.71 -20.78
C SER C 227 -152.81 -14.30 -20.88
N VAL C 228 -152.90 -15.63 -20.82
CA VAL C 228 -154.19 -16.32 -20.89
C VAL C 228 -154.84 -16.29 -19.51
N SER C 229 -155.38 -15.13 -19.17
CA SER C 229 -156.12 -14.91 -17.93
C SER C 229 -157.53 -15.47 -18.08
N PRO C 230 -157.96 -16.39 -17.18
CA PRO C 230 -159.34 -16.83 -17.25
C PRO C 230 -160.22 -15.97 -16.34
N GLU C 231 -160.99 -15.06 -16.93
CA GLU C 231 -161.88 -14.17 -16.17
C GLU C 231 -161.12 -13.08 -15.39
N ASP C 232 -159.79 -13.07 -15.41
CA ASP C 232 -159.06 -11.98 -14.73
C ASP C 232 -159.48 -10.67 -15.36
N ALA C 233 -159.57 -10.69 -16.69
CA ALA C 233 -159.85 -9.52 -17.52
C ALA C 233 -161.04 -8.64 -17.07
N GLN C 234 -162.24 -9.20 -16.89
CA GLN C 234 -163.42 -8.36 -16.58
C GLN C 234 -163.57 -7.96 -15.10
N ASN C 235 -162.76 -8.55 -14.21
CA ASN C 235 -162.57 -7.99 -12.86
C ASN C 235 -161.60 -6.84 -12.99
N LEU C 236 -160.47 -7.15 -13.65
CA LEU C 236 -159.41 -6.22 -13.98
C LEU C 236 -159.94 -4.92 -14.55
N PHE C 237 -160.84 -5.03 -15.54
CA PHE C 237 -161.49 -3.89 -16.18
C PHE C 237 -162.10 -2.98 -15.12
N GLU C 238 -163.01 -3.49 -14.29
CA GLU C 238 -163.60 -2.66 -13.23
C GLU C 238 -162.47 -1.90 -12.55
N ILE C 239 -161.42 -2.61 -12.17
CA ILE C 239 -160.24 -1.97 -11.57
C ILE C 239 -159.61 -0.94 -12.54
N VAL C 240 -159.08 -1.40 -13.69
CA VAL C 240 -158.44 -0.51 -14.68
C VAL C 240 -159.38 0.61 -15.17
N GLU C 241 -160.65 0.28 -15.39
CA GLU C 241 -161.69 1.28 -15.71
C GLU C 241 -161.89 2.24 -14.53
N ARG C 242 -162.10 1.68 -13.35
CA ARG C 242 -162.22 2.46 -12.12
C ARG C 242 -160.95 3.27 -11.88
N ASP C 243 -159.79 2.69 -12.19
CA ASP C 243 -158.49 3.35 -12.05
C ASP C 243 -158.29 4.44 -13.11
N ASP C 244 -158.54 4.10 -14.37
CA ASP C 244 -158.51 5.06 -15.48
C ASP C 244 -159.31 6.33 -15.14
N LYS C 245 -160.51 6.13 -14.61
CA LYS C 245 -161.31 7.25 -14.12
C LYS C 245 -160.47 8.09 -13.16
N ASP C 246 -160.03 7.46 -12.08
CA ASP C 246 -159.24 8.10 -11.04
C ASP C 246 -158.01 8.80 -11.63
N LEU C 247 -157.29 8.09 -12.50
CA LEU C 247 -155.93 8.48 -12.92
C LEU C 247 -155.85 9.89 -13.49
N ALA C 248 -156.76 10.21 -14.40
CA ALA C 248 -156.79 11.54 -14.99
C ALA C 248 -156.53 12.60 -13.92
N ALA C 249 -157.28 12.49 -12.83
CA ALA C 249 -157.17 13.40 -11.69
C ALA C 249 -155.81 13.35 -10.99
N ILE C 250 -155.20 12.16 -10.90
CA ILE C 250 -153.98 11.95 -10.09
C ILE C 250 -152.73 12.66 -10.64
N ASN C 251 -152.62 12.67 -11.97
CA ASN C 251 -151.53 13.33 -12.67
C ASN C 251 -151.45 14.83 -12.36
N SER C 252 -152.59 15.46 -12.14
CA SER C 252 -152.61 16.87 -11.77
C SER C 252 -151.73 17.14 -10.55
N LEU C 253 -151.62 16.12 -9.69
CA LEU C 253 -150.88 16.21 -8.43
C LEU C 253 -149.41 15.90 -8.61
N LEU C 254 -149.11 15.05 -9.59
CA LEU C 254 -147.74 14.86 -10.05
C LEU C 254 -147.20 16.18 -10.59
N GLN C 255 -147.89 16.72 -11.59
CA GLN C 255 -147.55 18.04 -12.13
C GLN C 255 -147.18 19.04 -11.03
N ASP C 256 -147.97 19.05 -9.96
CA ASP C 256 -147.65 19.81 -8.74
C ASP C 256 -146.25 19.53 -8.23
N ALA C 257 -145.97 18.26 -7.93
CA ALA C 257 -144.67 17.85 -7.37
C ALA C 257 -143.52 18.42 -8.19
N ALA C 258 -143.52 18.16 -9.49
CA ALA C 258 -142.52 18.75 -10.39
C ALA C 258 -142.27 20.24 -10.14
N ILE C 259 -143.29 20.95 -9.66
CA ILE C 259 -143.12 22.34 -9.25
C ILE C 259 -142.34 22.42 -7.94
N ASP C 260 -142.63 21.52 -7.01
CA ASP C 260 -141.90 21.46 -5.74
C ASP C 260 -140.40 21.25 -5.98
N VAL C 261 -140.08 20.21 -6.76
CA VAL C 261 -138.69 19.91 -7.08
C VAL C 261 -137.99 21.12 -7.73
N ALA C 262 -138.66 21.79 -8.65
CA ALA C 262 -138.05 22.86 -9.41
C ALA C 262 -137.69 24.06 -8.53
N SER C 263 -138.55 24.34 -7.55
CA SER C 263 -138.29 25.40 -6.57
C SER C 263 -137.11 25.01 -5.69
N PHE C 264 -137.10 23.75 -5.26
CA PHE C 264 -135.99 23.20 -4.48
C PHE C 264 -134.69 23.34 -5.26
N VAL C 265 -134.54 22.66 -6.38
CA VAL C 265 -133.33 22.81 -7.18
C VAL C 265 -132.90 24.26 -7.36
N ARG C 266 -133.86 25.13 -7.61
CA ARG C 266 -133.55 26.56 -7.76
C ARG C 266 -132.80 27.07 -6.54
N LYS C 267 -133.31 26.75 -5.36
CA LYS C 267 -132.80 27.27 -4.10
C LYS C 267 -131.38 26.81 -3.81
N VAL C 268 -131.13 25.52 -4.05
CA VAL C 268 -129.87 24.91 -3.70
C VAL C 268 -128.80 25.45 -4.59
N ASN C 269 -129.03 25.45 -5.89
CA ASN C 269 -128.02 25.95 -6.78
C ASN C 269 -127.68 27.40 -6.56
N MET C 270 -128.64 28.20 -6.13
CA MET C 270 -128.33 29.56 -5.70
C MET C 270 -127.22 29.52 -4.64
N LEU C 271 -127.44 28.80 -3.55
CA LEU C 271 -126.44 28.72 -2.48
C LEU C 271 -125.09 28.37 -3.05
N LEU C 272 -125.10 27.32 -3.86
CA LEU C 272 -123.91 26.75 -4.43
C LEU C 272 -123.24 27.74 -5.36
N ASP C 273 -124.02 28.53 -6.08
CA ASP C 273 -123.43 29.54 -6.96
C ASP C 273 -122.63 30.52 -6.14
N GLU C 274 -123.19 30.91 -4.99
CA GLU C 274 -122.50 31.81 -4.05
C GLU C 274 -121.26 31.13 -3.49
N ARG C 275 -121.41 29.87 -3.09
CA ARG C 275 -120.33 29.11 -2.55
C ARG C 275 -119.20 29.08 -3.57
N ASP C 276 -119.53 28.86 -4.84
CA ASP C 276 -118.53 28.87 -5.92
C ASP C 276 -117.72 30.17 -6.06
N ALA C 277 -118.28 31.29 -5.63
CA ALA C 277 -117.51 32.54 -5.62
C ALA C 277 -116.42 32.53 -4.54
N ASP C 278 -116.75 31.90 -3.42
CA ASP C 278 -115.81 31.71 -2.30
C ASP C 278 -114.66 30.81 -2.70
N LYS C 279 -115.01 29.61 -3.17
CA LYS C 279 -114.04 28.65 -3.66
C LYS C 279 -112.91 29.32 -4.39
N ALA C 280 -113.25 30.15 -5.35
CA ALA C 280 -112.24 30.80 -6.19
C ALA C 280 -111.27 31.66 -5.41
N LYS C 281 -111.76 32.27 -4.33
CA LYS C 281 -110.91 33.10 -3.46
C LYS C 281 -110.05 32.17 -2.62
N MET C 282 -110.70 31.29 -1.86
CA MET C 282 -110.00 30.36 -1.01
C MET C 282 -108.86 29.69 -1.78
N GLN C 283 -109.18 29.18 -2.96
CA GLN C 283 -108.15 28.61 -3.82
C GLN C 283 -107.05 29.59 -4.17
N ALA C 284 -107.39 30.86 -4.38
CA ALA C 284 -106.35 31.81 -4.77
C ALA C 284 -105.35 32.06 -3.66
N THR C 285 -105.86 32.12 -2.43
CA THR C 285 -105.01 32.31 -1.28
C THR C 285 -104.10 31.12 -1.05
N LEU C 286 -104.66 29.91 -1.15
CA LEU C 286 -103.82 28.72 -1.07
C LEU C 286 -102.64 28.94 -1.99
N SER C 287 -102.88 29.00 -3.28
CA SER C 287 -101.79 29.25 -4.22
C SER C 287 -100.73 30.25 -3.75
N LYS C 288 -101.15 31.30 -3.05
CA LYS C 288 -100.18 32.27 -2.54
C LYS C 288 -99.27 31.59 -1.52
N LEU C 289 -99.87 30.78 -0.65
CA LEU C 289 -99.10 30.05 0.34
C LEU C 289 -98.06 29.25 -0.37
N LEU C 290 -98.52 28.32 -1.19
CA LEU C 290 -97.65 27.29 -1.74
C LEU C 290 -96.41 27.94 -2.31
N THR C 291 -96.65 28.93 -3.16
CA THR C 291 -95.58 29.69 -3.79
C THR C 291 -94.62 30.30 -2.79
N GLU C 292 -95.11 30.75 -1.64
CA GLU C 292 -94.21 31.22 -0.58
C GLU C 292 -93.32 30.09 -0.08
N LEU C 293 -93.87 28.89 0.06
CA LEU C 293 -93.11 27.76 0.56
C LEU C 293 -92.04 27.37 -0.43
N ARG C 294 -92.37 27.34 -1.71
CA ARG C 294 -91.32 27.12 -2.72
C ARG C 294 -90.19 28.11 -2.57
N LYS C 295 -90.49 29.35 -2.20
CA LYS C 295 -89.44 30.37 -2.14
C LYS C 295 -88.50 30.01 -1.04
N HIS C 296 -89.04 29.43 0.01
CA HIS C 296 -88.21 28.99 1.13
C HIS C 296 -87.20 27.95 0.74
N GLU C 297 -87.64 26.93 0.01
CA GLU C 297 -86.73 25.92 -0.50
C GLU C 297 -85.47 26.58 -0.99
N GLU C 298 -85.62 27.53 -1.89
CA GLU C 298 -84.44 28.09 -2.54
C GLU C 298 -83.47 28.66 -1.52
N TYR C 299 -84.02 29.41 -0.58
CA TYR C 299 -83.21 30.09 0.42
C TYR C 299 -82.43 29.05 1.19
N ILE C 300 -83.16 28.07 1.71
CA ILE C 300 -82.59 26.98 2.47
C ILE C 300 -81.47 26.27 1.72
N SER C 301 -81.67 25.99 0.45
CA SER C 301 -80.66 25.26 -0.32
C SER C 301 -79.31 25.96 -0.24
N VAL C 302 -79.31 27.27 -0.07
CA VAL C 302 -78.07 28.00 0.15
C VAL C 302 -77.48 27.66 1.52
N PHE C 303 -78.34 27.59 2.52
CA PHE C 303 -77.90 27.25 3.87
C PHE C 303 -77.21 25.91 3.83
N GLU C 304 -77.91 24.86 3.40
CA GLU C 304 -77.29 23.56 3.23
C GLU C 304 -76.00 23.74 2.47
N GLY C 305 -76.10 24.44 1.34
CA GLY C 305 -74.95 24.63 0.48
C GLY C 305 -73.69 25.01 1.23
N ILE C 306 -73.80 25.92 2.18
CA ILE C 306 -72.61 26.37 2.87
C ILE C 306 -72.40 25.53 4.13
N SER C 307 -73.47 25.04 4.74
CA SER C 307 -73.33 24.05 5.79
C SER C 307 -72.42 22.94 5.35
N ALA C 308 -72.56 22.53 4.11
CA ALA C 308 -71.70 21.50 3.54
C ALA C 308 -70.28 21.98 3.37
N LEU C 309 -70.09 23.20 2.87
CA LEU C 309 -68.71 23.69 2.64
C LEU C 309 -67.94 23.88 3.94
N ILE C 310 -68.66 24.22 4.99
CA ILE C 310 -68.10 24.24 6.31
C ILE C 310 -67.63 22.84 6.67
N GLN C 311 -68.56 21.88 6.68
CA GLN C 311 -68.20 20.51 6.97
C GLN C 311 -66.95 20.08 6.21
N LYS C 312 -66.91 20.46 4.93
CA LYS C 312 -65.76 20.17 4.07
C LYS C 312 -64.50 20.79 4.67
N PHE C 313 -64.61 22.04 5.07
CA PHE C 313 -63.50 22.72 5.74
C PHE C 313 -63.10 21.91 6.96
N LYS C 314 -64.03 21.70 7.88
CA LYS C 314 -63.75 20.91 9.06
C LYS C 314 -63.02 19.61 8.77
N ALA C 315 -63.38 18.93 7.69
CA ALA C 315 -62.68 17.67 7.34
C ALA C 315 -61.22 17.89 6.91
N SER C 316 -61.00 18.88 6.05
CA SER C 316 -59.66 19.31 5.70
C SER C 316 -58.86 19.63 6.95
N CYS C 317 -59.52 20.25 7.92
CA CYS C 317 -58.87 20.57 9.19
C CYS C 317 -58.44 19.32 9.89
N LEU C 318 -59.40 18.52 10.29
CA LEU C 318 -59.09 17.29 10.94
C LEU C 318 -57.95 16.60 10.27
N GLU C 319 -58.00 16.53 8.95
CA GLU C 319 -56.93 15.94 8.16
C GLU C 319 -55.59 16.61 8.38
N ASP C 320 -55.60 17.93 8.35
CA ASP C 320 -54.36 18.67 8.60
C ASP C 320 -53.83 18.40 9.98
N ILE C 321 -54.73 18.32 10.95
CA ILE C 321 -54.35 17.95 12.28
C ILE C 321 -53.65 16.60 12.29
N ARG C 322 -54.24 15.60 11.66
CA ARG C 322 -53.55 14.32 11.60
C ARG C 322 -52.13 14.50 10.99
N GLN C 323 -52.05 15.15 9.84
CA GLN C 323 -50.77 15.39 9.16
C GLN C 323 -49.74 16.03 10.06
N THR C 324 -50.19 16.98 10.86
CA THR C 324 -49.27 17.80 11.62
C THR C 324 -48.82 17.01 12.82
N ARG C 325 -49.67 16.11 13.31
CA ARG C 325 -49.25 15.20 14.37
C ARG C 325 -48.24 14.18 13.85
N ASN C 326 -48.39 13.77 12.60
CA ASN C 326 -47.34 12.95 11.99
C ASN C 326 -46.03 13.72 11.82
N LEU C 327 -46.13 14.93 11.31
CA LEU C 327 -44.97 15.75 11.14
C LEU C 327 -44.18 15.92 12.40
N LEU C 328 -44.89 16.02 13.53
CA LEU C 328 -44.24 16.06 14.82
C LEU C 328 -43.50 14.76 15.01
N ASP C 329 -44.22 13.64 14.92
CA ASP C 329 -43.62 12.32 15.10
C ASP C 329 -42.35 12.14 14.27
N PHE C 330 -42.41 12.54 13.02
CA PHE C 330 -41.21 12.53 12.21
C PHE C 330 -40.10 13.42 12.80
N TYR C 331 -40.42 14.64 13.24
CA TYR C 331 -39.36 15.52 13.74
C TYR C 331 -38.74 14.82 14.93
N ALA C 332 -39.58 14.25 15.78
CA ALA C 332 -39.11 13.57 16.97
C ALA C 332 -38.20 12.45 16.56
N ASN C 333 -38.72 11.55 15.75
CA ASN C 333 -37.90 10.48 15.24
C ASN C 333 -36.55 10.95 14.75
N PHE C 334 -36.56 11.94 13.86
CA PHE C 334 -35.33 12.53 13.36
C PHE C 334 -34.39 12.81 14.50
N GLU C 335 -34.84 13.59 15.47
CA GLU C 335 -33.99 13.91 16.62
C GLU C 335 -33.34 12.66 17.22
N ARG C 336 -34.15 11.63 17.45
CA ARG C 336 -33.64 10.35 17.94
C ARG C 336 -32.60 9.77 17.01
N SER C 337 -32.88 9.80 15.72
CA SER C 337 -31.91 9.37 14.72
C SER C 337 -30.62 10.16 14.81
N TYR C 338 -30.72 11.48 14.92
CA TYR C 338 -29.52 12.29 15.05
C TYR C 338 -28.67 11.88 16.24
N HIS C 339 -29.31 11.48 17.33
CA HIS C 339 -28.56 10.92 18.44
C HIS C 339 -27.92 9.59 18.04
N ASN C 340 -28.67 8.75 17.35
CA ASN C 340 -28.08 7.55 16.76
C ASN C 340 -27.02 7.76 15.69
N LEU C 341 -27.00 8.95 15.12
CA LEU C 341 -26.00 9.28 14.15
C LEU C 341 -24.73 9.55 14.91
N LEU C 342 -24.79 10.33 15.96
CA LEU C 342 -23.59 10.62 16.72
C LEU C 342 -22.90 9.32 17.18
N LYS C 343 -23.67 8.41 17.77
CA LYS C 343 -23.08 7.18 18.27
C LYS C 343 -22.53 6.35 17.12
N GLU C 344 -23.18 6.45 15.97
CA GLU C 344 -22.67 5.84 14.74
C GLU C 344 -21.36 6.53 14.32
N VAL C 345 -21.33 7.85 14.19
CA VAL C 345 -20.11 8.49 13.71
C VAL C 345 -18.96 8.10 14.61
N LYS C 346 -19.24 7.99 15.91
CA LYS C 346 -18.23 7.65 16.90
C LYS C 346 -17.77 6.22 16.75
N ARG C 347 -18.66 5.35 16.32
CA ARG C 347 -18.32 3.96 16.05
C ARG C 347 -17.44 3.84 14.83
N ARG C 348 -17.71 4.66 13.83
CA ARG C 348 -16.86 4.66 12.67
C ARG C 348 -15.45 5.04 13.09
N LYS C 349 -15.30 6.17 13.78
CA LYS C 349 -13.98 6.59 14.24
C LYS C 349 -13.25 5.46 14.97
N GLU C 350 -13.95 4.78 15.88
CA GLU C 350 -13.38 3.67 16.64
C GLU C 350 -12.95 2.53 15.76
N THR C 351 -13.69 2.29 14.69
CA THR C 351 -13.26 1.32 13.66
C THR C 351 -12.02 1.81 12.88
N ALA C 352 -11.87 3.10 12.65
CA ALA C 352 -10.71 3.59 11.92
C ALA C 352 -9.48 3.41 12.76
N ALA C 353 -9.60 3.64 14.06
CA ALA C 353 -8.49 3.44 15.00
C ALA C 353 -8.08 1.98 15.02
N LYS C 354 -9.06 1.11 15.18
CA LYS C 354 -8.84 -0.32 15.06
C LYS C 354 -8.08 -0.74 13.81
N LEU C 355 -8.46 -0.22 12.64
CA LEU C 355 -7.75 -0.52 11.39
C LEU C 355 -6.34 0.01 11.40
N SER C 356 -6.15 1.22 11.93
CA SER C 356 -4.83 1.80 11.96
C SER C 356 -3.95 1.06 12.92
N GLN C 357 -4.50 0.74 14.08
CA GLN C 357 -3.87 -0.20 15.02
C GLN C 357 -3.34 -1.48 14.37
N ILE C 358 -4.08 -2.02 13.43
CA ILE C 358 -3.67 -3.24 12.77
C ILE C 358 -2.51 -3.00 11.80
N LEU C 359 -2.53 -1.89 11.10
CA LEU C 359 -1.51 -1.67 10.12
C LEU C 359 -0.25 -1.31 10.84
N LYS C 360 -0.34 -0.40 11.79
CA LYS C 360 0.84 -0.02 12.53
C LYS C 360 1.45 -1.27 13.18
N SER C 361 0.61 -2.12 13.75
CA SER C 361 1.07 -3.37 14.36
C SER C 361 1.74 -4.28 13.36
N CYS C 362 1.25 -4.26 12.13
CA CYS C 362 1.82 -5.06 11.08
C CYS C 362 3.05 -4.39 10.48
N GLU C 363 2.98 -3.07 10.36
CA GLU C 363 4.10 -2.32 9.86
C GLU C 363 5.32 -2.68 10.68
N THR C 364 5.25 -2.43 11.97
CA THR C 364 6.40 -2.65 12.84
C THR C 364 6.89 -4.08 12.78
N GLN C 365 5.96 -5.02 12.69
CA GLN C 365 6.34 -6.40 12.53
C GLN C 365 7.29 -6.57 11.39
N LEU C 366 7.00 -5.97 10.24
CA LEU C 366 7.82 -6.15 9.05
C LEU C 366 9.12 -5.36 9.14
N GLU C 367 9.06 -4.16 9.70
CA GLU C 367 10.29 -3.42 9.94
C GLU C 367 11.24 -4.28 10.74
N GLN C 368 10.74 -4.93 11.78
CA GLN C 368 11.54 -5.88 12.57
C GLN C 368 12.17 -6.93 11.70
N ILE C 369 11.32 -7.64 10.97
CA ILE C 369 11.82 -8.74 10.19
C ILE C 369 12.76 -8.26 9.11
N ASN C 370 12.52 -7.07 8.60
CA ASN C 370 13.39 -6.55 7.58
C ASN C 370 14.75 -6.20 8.11
N THR C 371 14.80 -5.49 9.23
CA THR C 371 16.13 -5.13 9.75
C THR C 371 16.92 -6.38 10.14
N ALA C 372 16.26 -7.44 10.55
CA ALA C 372 16.97 -8.64 10.90
C ALA C 372 17.52 -9.24 9.65
N ASP C 373 16.72 -9.20 8.59
CA ASP C 373 17.16 -9.74 7.32
C ASP C 373 18.42 -9.08 6.85
N LEU C 374 18.37 -7.75 6.74
CA LEU C 374 19.50 -6.99 6.24
C LEU C 374 20.77 -7.24 7.03
N ARG C 375 20.68 -7.24 8.34
CA ARG C 375 21.80 -7.66 9.15
C ARG C 375 22.31 -9.01 8.64
N GLU C 376 21.41 -9.94 8.37
CA GLU C 376 21.82 -11.26 7.97
C GLU C 376 22.52 -11.27 6.63
N ARG C 377 22.09 -10.44 5.69
CA ARG C 377 22.77 -10.34 4.41
C ARG C 377 24.16 -9.78 4.61
N GLN C 378 24.26 -8.72 5.39
CA GLN C 378 25.58 -8.17 5.72
C GLN C 378 26.52 -9.25 6.27
N MET C 379 26.04 -10.02 7.23
CA MET C 379 26.86 -11.09 7.79
C MET C 379 27.28 -12.04 6.69
N PHE C 380 26.37 -12.33 5.78
CA PHE C 380 26.67 -13.23 4.70
C PHE C 380 27.72 -12.72 3.75
N LEU C 381 27.63 -11.44 3.42
CA LEU C 381 28.61 -10.82 2.55
C LEU C 381 29.96 -10.77 3.23
N LEU C 382 29.98 -10.51 4.54
CA LEU C 382 31.24 -10.50 5.29
C LEU C 382 31.90 -11.89 5.18
N GLU C 383 31.16 -12.93 5.48
CA GLU C 383 31.65 -14.29 5.33
C GLU C 383 32.12 -14.59 3.92
N ASN C 384 31.33 -14.19 2.94
CA ASN C 384 31.59 -14.60 1.57
C ASN C 384 31.67 -13.37 0.74
N GLY C 385 31.41 -13.42 -0.55
CA GLY C 385 31.86 -12.33 -1.42
C GLY C 385 33.35 -12.42 -1.22
N ASN C 386 34.16 -11.69 -1.97
CA ASN C 386 35.58 -12.09 -2.11
C ASN C 386 35.65 -13.42 -2.79
N TYR C 387 35.00 -14.42 -2.21
CA TYR C 387 35.01 -15.75 -2.79
C TYR C 387 33.89 -15.99 -3.80
N LEU C 388 32.95 -15.05 -3.90
CA LEU C 388 31.82 -15.17 -4.83
C LEU C 388 31.77 -13.96 -5.78
N PRO C 389 31.39 -14.18 -7.05
CA PRO C 389 31.26 -13.12 -8.02
C PRO C 389 29.81 -12.78 -8.27
N GLU C 390 29.52 -11.52 -8.54
CA GLU C 390 28.12 -11.13 -8.75
C GLU C 390 27.48 -11.92 -9.87
N THR C 391 28.29 -12.31 -10.83
CA THR C 391 27.84 -13.14 -11.92
C THR C 391 26.94 -14.30 -11.47
N ILE C 392 27.21 -14.86 -10.29
CA ILE C 392 26.51 -16.06 -9.81
C ILE C 392 25.03 -15.84 -9.47
N TRP C 393 24.71 -14.68 -8.89
CA TRP C 393 23.33 -14.32 -8.56
C TRP C 393 23.07 -12.91 -9.09
N PRO C 394 22.93 -12.81 -10.41
CA PRO C 394 23.17 -11.58 -11.13
C PRO C 394 22.90 -10.29 -10.33
N ASP C 395 21.74 -10.16 -9.69
CA ASP C 395 21.39 -8.91 -9.00
C ASP C 395 21.19 -9.04 -7.49
N GLU C 396 20.74 -10.22 -7.08
CA GLU C 396 20.16 -10.42 -5.76
C GLU C 396 21.16 -10.31 -4.59
N ILE C 397 22.41 -10.70 -4.77
CA ILE C 397 23.36 -10.81 -3.63
C ILE C 397 23.62 -9.49 -2.92
N GLY C 398 23.97 -8.50 -3.69
CA GLY C 398 24.19 -7.19 -3.12
C GLY C 398 22.89 -6.41 -2.98
N SER C 399 21.78 -7.02 -3.41
CA SER C 399 20.51 -6.31 -3.60
C SER C 399 20.18 -5.43 -2.41
N LEU C 400 20.31 -5.98 -1.21
CA LEU C 400 20.20 -5.18 0.01
C LEU C 400 18.89 -4.33 0.11
N SER C 401 17.89 -4.65 -0.69
CA SER C 401 16.65 -3.91 -0.67
C SER C 401 15.59 -4.82 -0.10
N PRO C 402 14.83 -4.31 0.89
CA PRO C 402 13.82 -5.13 1.54
C PRO C 402 12.93 -5.85 0.51
N LEU C 403 12.29 -6.91 0.95
CA LEU C 403 11.58 -7.79 0.05
C LEU C 403 10.18 -7.29 -0.22
N TYR C 404 9.65 -6.48 0.71
CA TYR C 404 8.25 -6.08 0.71
C TYR C 404 8.12 -4.62 0.39
N THR C 405 6.91 -4.28 -0.04
CA THR C 405 6.49 -2.92 -0.32
C THR C 405 5.13 -2.66 0.35
N LEU C 406 5.02 -1.56 1.10
CA LEU C 406 3.78 -1.26 1.80
C LEU C 406 3.24 0.17 1.64
N ASN C 407 1.92 0.28 1.43
CA ASN C 407 1.24 1.57 1.44
C ASN C 407 -0.19 1.43 1.89
N TYR C 408 -0.53 2.16 2.94
CA TYR C 408 -1.88 2.14 3.49
C TYR C 408 -2.39 3.52 3.89
N GLU C 409 -3.63 3.83 3.52
CA GLU C 409 -4.15 5.15 3.86
C GLU C 409 -4.92 5.13 5.17
N VAL C 410 -5.92 4.26 5.30
CA VAL C 410 -6.79 4.27 6.49
C VAL C 410 -7.36 5.66 6.80
N ARG C 411 -8.24 6.14 5.92
CA ARG C 411 -9.04 7.36 6.14
C ARG C 411 -9.29 7.70 7.62
N MET D 1 105.97 -10.66 11.82
CA MET D 1 104.77 -9.79 11.78
C MET D 1 103.91 -9.95 13.03
N ASN D 2 104.53 -9.58 14.13
CA ASN D 2 103.94 -9.49 15.45
C ASN D 2 105.08 -8.86 16.24
N SER D 3 104.82 -7.81 17.01
CA SER D 3 105.94 -7.08 17.65
C SER D 3 107.22 -7.91 17.84
N GLU D 4 107.06 -9.10 18.40
CA GLU D 4 108.18 -9.97 18.66
C GLU D 4 108.43 -10.91 17.50
N ASN D 5 109.61 -11.51 17.47
CA ASN D 5 109.91 -12.44 16.41
C ASN D 5 109.77 -11.79 15.01
N THR D 6 110.13 -10.52 14.89
CA THR D 6 110.22 -9.84 13.60
C THR D 6 110.77 -8.43 13.76
N ILE D 7 112.01 -8.22 13.27
CA ILE D 7 112.80 -7.01 13.53
C ILE D 7 112.82 -5.99 12.39
N VAL D 8 112.92 -4.72 12.77
CA VAL D 8 113.09 -3.65 11.83
C VAL D 8 114.38 -2.93 12.11
N TYR D 9 115.22 -2.78 11.10
CA TYR D 9 116.40 -2.00 11.22
C TYR D 9 116.18 -0.74 10.41
N VAL D 10 116.67 0.38 10.89
CA VAL D 10 116.64 1.59 10.10
C VAL D 10 118.08 2.10 9.88
N ARG D 11 118.44 2.32 8.62
CA ARG D 11 119.70 2.95 8.28
C ARG D 11 119.57 4.45 8.24
N VAL D 12 120.69 5.13 8.44
CA VAL D 12 120.72 6.59 8.41
C VAL D 12 122.09 7.07 7.94
N ALA D 13 122.19 8.33 7.50
CA ALA D 13 123.46 8.92 7.04
C ALA D 13 123.90 10.16 7.86
N GLY D 14 124.99 10.04 8.61
CA GLY D 14 125.43 11.09 9.53
C GLY D 14 124.32 11.40 10.52
N ARG D 15 124.01 10.42 11.36
CA ARG D 15 122.91 10.52 12.30
C ARG D 15 123.37 10.80 13.73
N ALA D 16 124.30 10.00 14.22
CA ALA D 16 124.52 9.80 15.68
C ALA D 16 124.20 10.97 16.61
N ARG D 17 123.15 10.82 17.41
CA ARG D 17 122.82 11.79 18.46
C ARG D 17 122.96 11.20 19.84
N ASN D 18 123.11 9.88 19.91
CA ASN D 18 123.10 9.16 21.18
C ASN D 18 121.84 9.45 22.02
N GLY D 19 120.73 9.72 21.33
CA GLY D 19 119.42 9.75 21.95
C GLY D 19 118.67 8.54 21.41
N PHE D 20 119.19 7.36 21.74
CA PHE D 20 118.70 6.12 21.15
C PHE D 20 117.41 5.65 21.82
N VAL D 21 116.39 5.40 21.01
CA VAL D 21 115.05 5.14 21.51
C VAL D 21 114.94 3.64 21.75
N ASP D 22 114.77 2.86 20.68
CA ASP D 22 114.78 1.41 20.79
C ASP D 22 113.81 0.88 21.88
N PRO D 23 112.58 1.43 21.93
CA PRO D 23 111.60 0.93 22.89
C PRO D 23 111.00 -0.39 22.40
N LEU D 24 110.92 -1.39 23.26
CA LEU D 24 110.30 -2.64 22.86
C LEU D 24 108.86 -2.66 23.37
N LYS D 25 107.92 -2.69 22.45
CA LYS D 25 106.48 -2.73 22.74
C LYS D 25 105.76 -3.93 22.11
N PHE D 26 105.24 -4.87 22.89
CA PHE D 26 104.50 -5.98 22.28
C PHE D 26 103.06 -5.60 21.91
N TYR D 27 102.80 -5.31 20.63
CA TYR D 27 101.46 -4.86 20.17
C TYR D 27 100.80 -5.65 19.01
N TRP D 28 99.62 -6.21 19.27
CA TRP D 28 98.90 -7.11 18.34
C TRP D 28 97.72 -6.38 17.74
N ASP D 29 97.15 -6.92 16.68
CA ASP D 29 96.03 -6.24 15.98
C ASP D 29 94.75 -6.17 16.79
N LEU D 30 94.54 -7.13 17.69
CA LEU D 30 93.40 -7.11 18.62
C LEU D 30 93.60 -5.99 19.65
N GLU D 31 94.85 -5.84 20.14
CA GLU D 31 95.19 -4.69 21.00
C GLU D 31 94.77 -3.39 20.28
N ARG D 32 94.99 -3.32 18.96
CA ARG D 32 94.57 -2.15 18.18
C ARG D 32 93.07 -1.95 18.19
N ASP D 33 92.31 -3.02 17.96
CA ASP D 33 90.83 -2.96 18.01
C ASP D 33 90.32 -2.44 19.39
N ARG D 34 90.99 -2.88 20.47
CA ARG D 34 90.68 -2.44 21.83
C ARG D 34 90.90 -0.92 22.03
N SER D 35 92.15 -0.46 21.85
CA SER D 35 92.49 0.97 21.91
C SER D 35 91.61 1.79 21.00
N LEU D 36 91.34 1.29 19.79
CA LEU D 36 90.44 1.97 18.86
C LEU D 36 89.10 2.23 19.50
N TRP D 37 88.48 1.18 20.03
CA TRP D 37 87.20 1.27 20.74
C TRP D 37 87.27 2.15 21.98
N SER D 38 88.32 1.95 22.78
CA SER D 38 88.62 2.84 23.92
C SER D 38 88.60 4.31 23.50
N SER D 39 89.48 4.68 22.55
CA SER D 39 89.55 6.06 22.06
C SER D 39 88.17 6.62 21.63
N VAL D 40 87.20 5.75 21.35
CA VAL D 40 85.79 6.15 21.15
C VAL D 40 85.60 7.12 19.97
N UNK D 41 94.88 10.81 30.60
CA UNK D 41 94.43 10.20 29.32
C UNK D 41 95.65 9.57 28.60
N UNK D 42 96.47 10.38 27.93
CA UNK D 42 97.65 9.87 27.21
C UNK D 42 98.65 9.08 28.09
N UNK D 43 98.77 9.41 29.37
CA UNK D 43 99.62 8.62 30.30
C UNK D 43 98.81 7.49 30.94
N UNK D 44 97.57 7.78 31.32
CA UNK D 44 96.64 6.76 31.83
C UNK D 44 96.43 5.57 30.85
N UNK D 45 96.42 5.85 29.54
CA UNK D 45 96.28 4.80 28.52
C UNK D 45 97.62 4.10 28.23
N UNK D 46 98.66 4.91 28.03
CA UNK D 46 100.06 4.42 27.83
C UNK D 46 100.49 3.39 28.87
N UNK D 47 99.94 3.52 30.07
CA UNK D 47 100.16 2.59 31.16
C UNK D 47 99.24 1.37 30.99
N UNK D 48 97.97 1.63 30.74
CA UNK D 48 96.98 0.57 30.56
C UNK D 48 97.45 -0.50 29.54
N UNK D 49 98.04 -0.04 28.42
CA UNK D 49 98.41 -0.93 27.29
C UNK D 49 99.95 -0.99 26.97
N UNK D 50 100.59 0.12 26.54
CA UNK D 50 102.09 0.25 26.36
C UNK D 50 102.57 1.39 25.39
N UNK D 51 103.87 1.72 25.44
CA UNK D 51 104.49 2.86 24.69
C UNK D 51 103.74 4.17 24.90
N UNK D 52 103.82 5.10 23.94
CA UNK D 52 103.04 6.35 24.09
C UNK D 52 102.92 7.08 22.76
N UNK D 53 104.06 7.47 22.19
CA UNK D 53 104.10 7.93 20.82
C UNK D 53 103.01 7.14 20.13
N UNK D 54 103.19 5.81 20.18
CA UNK D 54 102.32 4.84 19.48
C UNK D 54 100.85 5.09 19.79
N UNK D 55 100.53 5.17 21.07
CA UNK D 55 99.13 5.34 21.51
C UNK D 55 98.61 6.67 20.95
N UNK D 56 99.46 7.70 20.98
CA UNK D 56 99.09 8.98 20.41
C UNK D 56 98.90 8.82 18.89
N UNK D 57 99.97 8.41 18.21
CA UNK D 57 99.99 8.24 16.77
C UNK D 57 98.76 7.50 16.32
N UNK D 58 98.63 6.30 16.86
CA UNK D 58 97.62 5.36 16.42
C UNK D 58 96.23 5.94 16.58
N UNK D 59 96.00 6.60 17.71
CA UNK D 59 94.69 7.18 17.95
C UNK D 59 94.45 8.23 16.86
N UNK D 60 95.34 9.23 16.82
CA UNK D 60 95.19 10.38 15.92
C UNK D 60 95.20 9.98 14.46
N UNK D 61 95.91 8.90 14.15
CA UNK D 61 95.88 8.34 12.80
C UNK D 61 94.49 7.75 12.50
N UNK D 62 94.01 6.86 13.38
CA UNK D 62 92.70 6.20 13.18
C UNK D 62 91.55 7.21 13.09
N UNK D 63 91.66 8.28 13.88
CA UNK D 63 90.69 9.40 13.86
C UNK D 63 90.73 10.13 12.51
N UNK D 64 91.90 10.11 11.86
CA UNK D 64 92.04 10.63 10.49
C UNK D 64 91.35 9.73 9.46
N UNK D 65 91.35 8.42 9.71
CA UNK D 65 90.59 7.49 8.88
C UNK D 65 89.09 7.75 9.06
N UNK D 66 88.62 7.72 10.31
CA UNK D 66 87.19 7.90 10.58
C UNK D 66 86.67 9.26 10.12
N UNK D 67 87.59 10.21 9.84
CA UNK D 67 87.27 11.53 9.28
C UNK D 67 87.11 11.45 7.77
N UNK D 68 87.93 10.63 7.12
CA UNK D 68 87.79 10.34 5.70
C UNK D 68 86.49 9.58 5.38
N UNK D 69 85.79 9.09 6.41
CA UNK D 69 84.45 8.48 6.27
C UNK D 69 83.41 9.43 5.62
N GLU E 11 113.98 11.10 14.96
CA GLU E 11 112.48 11.14 15.02
C GLU E 11 111.90 9.75 15.31
N PRO E 12 110.60 9.67 15.64
CA PRO E 12 110.07 8.37 16.04
C PRO E 12 109.54 7.64 14.82
N PHE E 13 109.77 6.33 14.72
CA PHE E 13 109.37 5.60 13.50
C PHE E 13 108.36 4.52 13.67
N THR E 14 107.34 4.52 12.82
CA THR E 14 106.27 3.53 12.91
C THR E 14 106.14 2.75 11.61
N VAL E 15 106.08 1.43 11.76
CA VAL E 15 105.99 0.47 10.67
C VAL E 15 104.80 -0.48 10.82
N THR E 16 103.95 -0.54 9.81
CA THR E 16 102.80 -1.41 9.81
C THR E 16 102.77 -2.22 8.52
N VAL E 17 102.65 -3.53 8.63
CA VAL E 17 102.66 -4.40 7.47
C VAL E 17 101.28 -4.93 7.22
N VAL E 18 100.75 -4.72 6.02
CA VAL E 18 99.45 -5.27 5.65
C VAL E 18 99.67 -6.53 4.85
N ASP E 19 98.84 -7.55 5.09
CA ASP E 19 98.91 -8.76 4.28
C ASP E 19 97.70 -8.78 3.39
N ARG E 20 97.91 -8.66 2.10
CA ARG E 20 96.77 -8.56 1.22
C ARG E 20 96.15 -9.90 0.93
N ASN E 21 96.77 -10.98 1.40
CA ASN E 21 96.29 -12.31 1.07
C ASN E 21 94.78 -12.38 1.24
N VAL E 22 94.09 -13.13 0.42
CA VAL E 22 92.65 -13.16 0.60
C VAL E 22 92.26 -14.20 1.65
N LYS E 23 92.75 -14.06 2.86
CA LYS E 23 92.26 -14.86 3.93
C LYS E 23 91.44 -13.84 4.72
N HIS E 24 90.52 -13.17 4.04
CA HIS E 24 89.73 -12.12 4.68
C HIS E 24 88.34 -12.60 5.04
N GLN E 25 88.12 -13.91 4.96
CA GLN E 25 86.86 -14.48 5.38
C GLN E 25 87.08 -15.69 6.28
N VAL E 40 88.99 -9.05 7.55
CA VAL E 40 90.01 -8.03 7.35
C VAL E 40 91.15 -8.13 8.38
N GLN E 41 91.36 -9.32 8.94
CA GLN E 41 92.52 -9.59 9.77
C GLN E 41 93.75 -9.60 8.87
N GLY E 42 94.86 -9.12 9.40
CA GLY E 42 96.15 -9.25 8.74
C GLY E 42 96.89 -7.93 8.59
N VAL E 43 97.04 -7.24 9.70
CA VAL E 43 97.92 -6.12 9.78
C VAL E 43 98.78 -6.41 10.97
N MET E 44 100.07 -6.20 10.82
CA MET E 44 101.00 -6.67 11.79
C MET E 44 101.73 -5.42 12.22
N PHE E 45 102.68 -5.53 13.14
CA PHE E 45 103.28 -4.35 13.71
C PHE E 45 104.71 -4.59 14.08
N ALA E 46 105.58 -3.72 13.58
CA ALA E 46 106.97 -3.79 13.94
C ALA E 46 107.11 -2.99 15.19
N THR E 47 107.94 -3.49 16.06
CA THR E 47 108.06 -2.89 17.34
C THR E 47 109.52 -2.71 17.67
N ASN E 48 110.26 -3.81 17.68
CA ASN E 48 111.69 -3.72 17.90
C ASN E 48 112.29 -3.16 16.64
N VAL E 49 112.35 -1.84 16.60
CA VAL E 49 113.03 -1.18 15.54
C VAL E 49 114.34 -0.70 16.14
N LYS E 50 115.44 -1.29 15.68
CA LYS E 50 116.74 -0.76 16.05
C LYS E 50 117.16 0.20 14.95
N TYR E 51 117.86 1.26 15.35
CA TYR E 51 118.34 2.22 14.41
C TYR E 51 119.82 2.01 14.30
N ILE E 52 120.34 1.93 13.08
CA ILE E 52 121.77 1.78 12.88
C ILE E 52 122.34 3.03 12.27
N PHE E 53 123.19 3.70 13.04
CA PHE E 53 123.81 4.95 12.61
C PHE E 53 125.11 4.59 11.92
N GLU E 54 125.47 5.33 10.87
CA GLU E 54 126.62 4.99 10.00
C GLU E 54 127.80 4.22 10.66
N ASP E 55 128.17 4.60 11.89
CA ASP E 55 129.28 3.97 12.65
C ASP E 55 128.97 2.56 13.21
N ASP E 56 127.70 2.15 13.16
CA ASP E 56 127.28 0.78 13.50
C ASP E 56 127.12 -0.09 12.24
N GLN E 57 127.28 -1.41 12.38
CA GLN E 57 127.14 -2.31 11.24
C GLN E 57 125.97 -3.32 11.32
N GLU E 58 125.93 -4.16 12.35
CA GLU E 58 124.97 -5.28 12.39
C GLU E 58 123.55 -4.77 12.31
N ASP E 65 120.85 -12.95 15.96
CA ASP E 65 119.65 -13.04 15.15
C ASP E 65 119.08 -14.46 15.09
N PRO E 66 118.32 -14.88 16.13
CA PRO E 66 117.82 -16.26 16.17
C PRO E 66 116.30 -16.38 16.08
N ALA E 67 115.81 -17.06 15.04
CA ALA E 67 114.37 -17.26 14.88
C ALA E 67 113.58 -15.94 14.88
N ILE E 68 114.13 -14.99 14.10
CA ILE E 68 113.48 -13.69 13.92
C ILE E 68 112.41 -13.90 12.86
N GLU E 69 112.74 -14.64 11.81
CA GLU E 69 111.75 -15.05 10.77
C GLU E 69 111.31 -13.93 9.84
N ASN E 70 111.39 -12.68 10.31
CA ASN E 70 111.20 -11.52 9.46
C ASN E 70 112.11 -10.36 9.81
N VAL E 71 112.69 -9.77 8.78
CA VAL E 71 113.51 -8.60 8.91
C VAL E 71 112.97 -7.58 7.91
N VAL E 72 113.07 -6.32 8.29
CA VAL E 72 112.70 -5.22 7.42
C VAL E 72 113.82 -4.22 7.52
N ILE E 73 114.14 -3.55 6.43
CA ILE E 73 115.25 -2.62 6.41
C ILE E 73 114.86 -1.36 5.73
N ILE E 74 115.15 -0.24 6.37
CA ILE E 74 114.73 1.07 5.87
C ILE E 74 115.93 1.97 5.73
N GLU E 75 115.91 2.85 4.74
CA GLU E 75 117.03 3.74 4.57
C GLU E 75 116.49 5.13 4.59
N ALA E 76 117.31 6.10 5.02
CA ALA E 76 116.86 7.46 5.25
C ALA E 76 117.93 8.56 5.07
N ASP E 77 117.53 9.69 4.50
CA ASP E 77 118.36 10.88 4.41
C ASP E 77 119.00 11.29 5.71
N GLU E 78 119.76 12.37 5.64
CA GLU E 78 119.98 13.26 6.76
C GLU E 78 118.63 13.81 7.18
N SER E 79 117.82 14.29 6.25
CA SER E 79 116.43 14.71 6.52
C SER E 79 115.48 13.53 6.83
N LEU E 80 116.01 12.32 6.88
CA LEU E 80 115.22 11.13 7.17
C LEU E 80 114.06 11.00 6.18
N ARG E 81 114.39 11.04 4.89
CA ARG E 81 113.41 11.01 3.80
C ARG E 81 113.04 9.60 3.43
N VAL E 82 113.79 8.62 3.92
CA VAL E 82 113.31 7.25 3.85
C VAL E 82 113.31 6.70 2.43
N THR E 83 114.51 6.52 1.87
CA THR E 83 114.67 6.18 0.46
C THR E 83 114.46 4.75 0.05
N GLN E 84 114.51 3.83 1.00
CA GLN E 84 114.20 2.46 0.63
C GLN E 84 113.65 1.66 1.78
N VAL E 85 112.76 0.73 1.45
CA VAL E 85 112.26 -0.31 2.35
C VAL E 85 112.48 -1.71 1.77
N GLU E 86 112.76 -2.66 2.63
CA GLU E 86 113.07 -3.98 2.16
C GLU E 86 112.70 -5.00 3.18
N MET E 87 111.84 -5.93 2.77
CA MET E 87 111.45 -7.02 3.64
C MET E 87 112.19 -8.28 3.24
N ILE E 88 112.67 -9.03 4.23
CA ILE E 88 113.32 -10.34 4.04
C ILE E 88 112.51 -11.41 4.74
N SER E 89 111.79 -12.24 4.01
CA SER E 89 111.02 -13.28 4.68
C SER E 89 110.73 -14.49 3.84
N ASP E 90 110.37 -15.56 4.54
CA ASP E 90 109.97 -16.83 3.94
C ASP E 90 108.49 -16.82 3.67
N GLN E 91 107.73 -16.10 4.47
CA GLN E 91 106.29 -16.10 4.38
C GLN E 91 105.70 -14.77 3.93
N PHE E 92 106.52 -13.74 3.77
CA PHE E 92 106.00 -12.46 3.32
C PHE E 92 106.88 -11.80 2.30
N LYS E 93 106.33 -11.61 1.12
CA LYS E 93 107.00 -10.87 0.07
C LYS E 93 106.28 -9.59 -0.02
N GLN E 94 106.96 -8.48 -0.26
CA GLN E 94 106.23 -7.25 -0.39
C GLN E 94 106.08 -6.77 -1.83
N VAL E 95 104.93 -6.19 -2.15
CA VAL E 95 104.77 -5.41 -3.36
C VAL E 95 104.70 -3.93 -3.02
N GLY E 96 104.55 -3.62 -1.75
CA GLY E 96 104.02 -2.32 -1.37
C GLY E 96 104.99 -1.44 -0.64
N TYR E 97 104.62 -0.20 -0.46
CA TYR E 97 105.48 0.82 0.07
C TYR E 97 104.71 2.12 0.09
N GLU E 98 104.34 2.56 1.27
CA GLU E 98 103.62 3.78 1.42
C GLU E 98 104.23 4.39 2.65
N VAL E 99 104.76 5.59 2.52
CA VAL E 99 105.35 6.28 3.63
C VAL E 99 104.48 7.50 3.90
N ARG E 100 104.12 7.71 5.15
CA ARG E 100 103.10 8.70 5.51
C ARG E 100 103.60 9.79 6.43
N ASP E 101 102.89 10.90 6.37
CA ASP E 101 103.30 12.07 7.10
C ASP E 101 103.51 11.69 8.56
N GLY E 102 104.61 12.16 9.12
CA GLY E 102 105.03 11.75 10.46
C GLY E 102 105.76 10.40 10.48
N ASN E 103 106.52 10.12 9.41
CA ASN E 103 107.35 8.92 9.37
C ASN E 103 106.65 7.67 9.88
N GLU E 104 105.50 7.40 9.26
CA GLU E 104 104.75 6.18 9.45
C GLU E 104 104.77 5.41 8.17
N VAL E 105 105.39 4.23 8.12
CA VAL E 105 105.39 3.42 6.87
C VAL E 105 104.43 2.25 6.89
N CYS E 106 103.78 2.00 5.75
CA CYS E 106 102.91 0.84 5.57
C CYS E 106 103.31 0.03 4.33
N ILE E 107 103.74 -1.21 4.54
CA ILE E 107 104.11 -2.12 3.46
C ILE E 107 102.99 -3.11 3.14
N ASP E 108 102.61 -3.29 1.88
CA ASP E 108 101.64 -4.34 1.58
C ASP E 108 102.38 -5.55 1.10
N ALA E 109 102.54 -6.51 2.00
CA ALA E 109 103.04 -7.83 1.69
C ALA E 109 101.91 -8.75 1.28
N MET E 110 102.33 -9.89 0.76
CA MET E 110 101.44 -10.91 0.30
C MET E 110 101.95 -12.09 1.07
N SER E 111 101.09 -13.08 1.24
CA SER E 111 101.46 -14.25 1.96
C SER E 111 100.68 -15.41 1.41
N ARG E 112 101.33 -16.21 0.60
CA ARG E 112 101.12 -17.65 0.69
C ARG E 112 99.87 -18.37 0.08
N PHE E 113 98.93 -17.66 -0.50
CA PHE E 113 97.87 -18.35 -1.23
C PHE E 113 97.47 -19.70 -0.61
N GLU E 114 96.55 -19.66 0.35
CA GLU E 114 96.06 -20.89 0.97
C GLU E 114 94.97 -21.52 0.12
N THR E 115 94.68 -22.78 0.44
CA THR E 115 93.57 -23.52 -0.17
C THR E 115 92.84 -24.28 0.90
N PRO E 116 92.37 -23.57 1.94
CA PRO E 116 91.77 -24.30 3.06
C PRO E 116 90.57 -25.07 2.55
N ARG E 117 90.20 -26.13 3.25
CA ARG E 117 89.05 -26.94 2.87
C ARG E 117 87.76 -26.12 3.04
N GLN E 118 87.71 -25.33 4.11
CA GLN E 118 86.49 -24.60 4.54
C GLN E 118 85.79 -23.80 3.46
N LEU E 119 86.53 -23.30 2.49
CA LEU E 119 85.87 -22.62 1.37
C LEU E 119 85.23 -23.70 0.55
N GLY E 120 84.43 -23.31 -0.42
CA GLY E 120 83.61 -24.25 -1.17
C GLY E 120 82.17 -24.06 -0.75
N ASN E 121 81.99 -23.70 0.52
CA ASN E 121 80.68 -23.34 1.07
C ASN E 121 80.18 -22.01 0.53
N LEU E 122 81.05 -21.30 -0.19
CA LEU E 122 80.77 -19.92 -0.51
C LEU E 122 80.17 -19.84 -1.89
N PRO E 123 79.29 -18.86 -2.08
CA PRO E 123 78.71 -18.79 -3.38
C PRO E 123 79.79 -18.76 -4.42
N LEU E 124 79.50 -19.37 -5.55
CA LEU E 124 80.41 -19.31 -6.65
C LEU E 124 80.73 -17.85 -7.01
N GLU E 125 79.74 -16.98 -7.14
CA GLU E 125 80.00 -15.55 -7.32
C GLU E 125 81.12 -15.00 -6.43
N LYS E 126 81.19 -15.48 -5.21
CA LYS E 126 82.27 -15.07 -4.36
C LYS E 126 83.57 -15.72 -4.78
N LEU E 127 83.52 -17.00 -5.08
CA LEU E 127 84.73 -17.71 -5.42
C LEU E 127 85.34 -17.16 -6.70
N VAL E 128 84.49 -16.90 -7.68
CA VAL E 128 84.93 -16.30 -8.91
C VAL E 128 85.64 -14.96 -8.63
N GLN E 129 85.12 -14.16 -7.73
CA GLN E 129 85.79 -12.91 -7.38
C GLN E 129 87.13 -13.13 -6.71
N LEU E 130 87.22 -14.14 -5.88
CA LEU E 130 88.47 -14.43 -5.22
C LEU E 130 89.55 -14.96 -6.12
N TYR E 131 89.19 -15.83 -7.06
CA TYR E 131 90.13 -16.27 -8.07
C TYR E 131 90.65 -15.01 -8.78
N LYS E 132 89.76 -14.19 -9.33
CA LYS E 132 90.20 -12.97 -10.00
C LYS E 132 91.23 -12.24 -9.19
N LEU E 133 90.85 -11.87 -7.99
CA LEU E 133 91.73 -11.11 -7.17
C LEU E 133 93.04 -11.84 -6.95
N GLN E 134 93.04 -13.14 -6.74
CA GLN E 134 94.31 -13.89 -6.54
C GLN E 134 95.17 -13.73 -7.75
N ASN E 135 94.54 -13.69 -8.91
CA ASN E 135 95.25 -13.50 -10.15
C ASN E 135 96.01 -12.21 -10.22
N ASP E 136 95.33 -11.12 -9.94
CA ASP E 136 96.00 -9.85 -9.80
C ASP E 136 97.13 -9.95 -8.78
N GLN E 137 96.84 -10.47 -7.61
CA GLN E 137 97.92 -10.55 -6.64
C GLN E 137 99.10 -11.27 -7.25
N LEU E 138 98.84 -12.30 -8.05
CA LEU E 138 99.93 -13.00 -8.70
C LEU E 138 100.64 -12.04 -9.60
N HIS E 139 99.86 -11.45 -10.51
CA HIS E 139 100.40 -10.56 -11.50
C HIS E 139 101.41 -9.67 -10.83
N SER E 140 101.01 -9.06 -9.72
CA SER E 140 101.89 -8.15 -9.04
C SER E 140 103.13 -8.80 -8.56
N LEU E 141 102.99 -9.96 -7.95
CA LEU E 141 104.15 -10.65 -7.48
C LEU E 141 105.12 -10.92 -8.58
N PHE E 142 104.58 -11.33 -9.72
CA PHE E 142 105.40 -11.68 -10.87
C PHE E 142 106.23 -10.48 -11.31
N ASN E 143 105.63 -9.30 -11.34
CA ASN E 143 106.38 -8.11 -11.64
C ASN E 143 107.54 -7.87 -10.69
N THR E 144 107.34 -8.14 -9.41
CA THR E 144 108.43 -7.89 -8.47
C THR E 144 109.65 -8.77 -8.74
N LEU E 145 109.65 -9.60 -9.77
CA LEU E 145 110.84 -10.44 -10.04
C LEU E 145 112.12 -9.69 -10.56
N ASN F 2 167.57 17.09 9.97
CA ASN F 2 166.32 16.26 10.15
C ASN F 2 165.19 16.63 9.19
N GLU F 3 165.06 17.92 8.86
CA GLU F 3 164.02 18.41 7.94
C GLU F 3 164.04 17.69 6.57
N ALA F 4 165.23 17.41 6.06
CA ALA F 4 165.40 16.68 4.80
C ALA F 4 164.97 15.23 4.95
N VAL F 5 165.39 14.59 6.03
CA VAL F 5 165.11 13.17 6.24
C VAL F 5 163.60 12.90 6.37
N ILE F 6 162.92 13.71 7.18
CA ILE F 6 161.46 13.59 7.41
C ILE F 6 160.67 13.79 6.11
N GLU F 7 160.96 14.85 5.37
CA GLU F 7 160.24 15.14 4.15
C GLU F 7 160.37 13.99 3.14
N LYS F 8 161.53 13.32 3.13
CA LYS F 8 161.77 12.17 2.24
C LYS F 8 160.94 10.96 2.60
N LEU F 9 160.84 10.70 3.90
CA LEU F 9 160.07 9.55 4.40
C LEU F 9 158.55 9.73 4.29
N LEU F 10 158.10 10.97 4.44
CA LEU F 10 156.70 11.31 4.20
C LEU F 10 156.35 11.10 2.76
N GLU F 11 157.23 11.58 1.89
CA GLU F 11 156.95 11.60 0.47
C GLU F 11 156.96 10.23 -0.16
N ASN F 12 157.72 9.29 0.40
CA ASN F 12 157.64 7.91 -0.01
C ASN F 12 156.37 7.28 0.52
N SER F 13 155.93 7.71 1.71
CA SER F 13 154.69 7.21 2.30
C SER F 13 153.55 7.62 1.39
N ARG F 14 153.38 8.93 1.26
CA ARG F 14 152.26 9.49 0.54
C ARG F 14 152.09 8.84 -0.81
N LYS F 15 153.18 8.73 -1.56
CA LYS F 15 153.14 8.13 -2.89
C LYS F 15 152.47 6.79 -2.83
N PHE F 16 152.96 5.96 -1.91
CA PHE F 16 152.39 4.64 -1.72
C PHE F 16 150.92 4.68 -1.26
N LEU F 17 150.66 5.37 -0.15
CA LEU F 17 149.30 5.52 0.38
C LEU F 17 148.35 5.81 -0.74
N THR F 18 148.58 6.92 -1.44
CA THR F 18 147.60 7.44 -2.39
C THR F 18 147.54 6.51 -3.60
N GLY F 19 148.61 5.75 -3.78
CA GLY F 19 148.63 4.70 -4.78
C GLY F 19 147.77 3.52 -4.38
N ALA F 20 147.90 3.06 -3.13
CA ALA F 20 147.07 1.96 -2.59
C ALA F 20 145.62 2.32 -2.55
N LYS F 21 145.30 3.53 -2.12
CA LYS F 21 143.90 4.00 -2.15
C LYS F 21 143.20 3.73 -3.48
N LEU F 22 143.95 3.91 -4.56
CA LEU F 22 143.46 3.77 -5.92
C LEU F 22 143.28 2.36 -6.32
N ILE F 23 144.29 1.56 -6.08
CA ILE F 23 144.17 0.17 -6.44
C ILE F 23 143.01 -0.48 -5.67
N CYS F 24 142.94 -0.26 -4.36
CA CYS F 24 141.82 -0.71 -3.55
C CYS F 24 140.55 -0.21 -4.16
N GLN F 25 140.38 1.09 -4.15
CA GLN F 25 139.20 1.67 -4.73
C GLN F 25 138.63 0.79 -5.83
N GLU F 26 139.42 0.50 -6.84
CA GLU F 26 138.94 -0.21 -8.01
C GLU F 26 138.41 -1.60 -7.70
N SER F 27 139.24 -2.37 -6.99
CA SER F 27 138.92 -3.75 -6.66
C SER F 27 137.75 -3.91 -5.68
N ASN F 28 137.70 -3.03 -4.69
CA ASN F 28 136.58 -2.97 -3.78
C ASN F 28 135.31 -2.67 -4.50
N ASP F 29 135.26 -1.60 -5.29
CA ASP F 29 134.11 -1.36 -6.17
C ASP F 29 133.67 -2.69 -6.79
N HIS F 30 134.55 -3.32 -7.56
CA HIS F 30 134.21 -4.60 -8.16
C HIS F 30 133.59 -5.53 -7.16
N LEU F 31 134.20 -5.67 -5.99
CA LEU F 31 133.64 -6.56 -4.98
C LEU F 31 132.27 -6.18 -4.52
N THR F 32 132.03 -4.93 -4.20
CA THR F 32 130.72 -4.61 -3.74
C THR F 32 129.71 -4.87 -4.87
N THR F 33 130.08 -4.59 -6.12
CA THR F 33 129.11 -4.67 -7.22
C THR F 33 128.74 -6.11 -7.44
N THR F 34 129.70 -7.00 -7.24
CA THR F 34 129.46 -8.42 -7.37
C THR F 34 128.58 -8.96 -6.26
N LYS F 35 128.98 -8.72 -5.02
CA LYS F 35 128.08 -9.06 -3.94
C LYS F 35 126.67 -8.66 -4.34
N LEU F 36 126.49 -7.42 -4.73
CA LEU F 36 125.17 -6.99 -5.13
C LEU F 36 124.50 -7.91 -6.13
N ARG F 37 125.26 -8.38 -7.11
CA ARG F 37 124.67 -9.16 -8.18
C ARG F 37 124.21 -10.46 -7.61
N ILE F 38 125.01 -11.07 -6.74
CA ILE F 38 124.62 -12.36 -6.15
C ILE F 38 123.43 -12.18 -5.21
N ARG F 39 123.39 -11.07 -4.50
CA ARG F 39 122.27 -10.86 -3.65
C ARG F 39 121.03 -10.82 -4.50
N GLU F 40 120.99 -9.97 -5.53
CA GLU F 40 119.83 -9.90 -6.45
C GLU F 40 119.40 -11.26 -6.86
N TRP F 41 120.38 -12.08 -7.22
CA TRP F 41 120.09 -13.47 -7.53
C TRP F 41 119.44 -14.13 -6.33
N GLN F 42 120.14 -14.20 -5.22
CA GLN F 42 119.60 -14.84 -4.02
C GLN F 42 118.14 -14.47 -3.76
N LYS F 43 117.84 -13.19 -3.90
CA LYS F 43 116.47 -12.73 -3.76
C LYS F 43 115.67 -13.38 -4.83
N PHE F 44 116.02 -13.14 -6.07
CA PHE F 44 115.26 -13.71 -7.12
C PHE F 44 114.93 -15.18 -6.79
N GLN F 45 115.93 -16.01 -6.56
CA GLN F 45 115.67 -17.43 -6.27
C GLN F 45 114.55 -17.59 -5.29
N SER F 46 114.54 -16.78 -4.24
CA SER F 46 113.45 -16.77 -3.27
C SER F 46 112.10 -16.36 -3.86
N LYS F 47 112.07 -15.26 -4.59
CA LYS F 47 110.80 -14.76 -5.12
C LYS F 47 110.27 -15.82 -6.03
N LEU F 48 111.13 -16.46 -6.83
CA LEU F 48 110.69 -17.48 -7.77
C LEU F 48 110.03 -18.60 -7.01
N HIS F 49 110.78 -19.23 -6.13
CA HIS F 49 110.24 -20.25 -5.23
C HIS F 49 108.84 -19.91 -4.74
N PHE F 50 108.71 -18.73 -4.17
CA PHE F 50 107.43 -18.27 -3.67
C PHE F 50 106.36 -18.13 -4.76
N VAL F 51 106.71 -17.56 -5.89
CA VAL F 51 105.68 -17.39 -6.88
C VAL F 51 105.22 -18.75 -7.40
N LEU F 52 106.15 -19.67 -7.58
CA LEU F 52 105.75 -21.02 -7.97
C LEU F 52 104.74 -21.57 -6.96
N ASP F 53 105.13 -21.61 -5.70
CA ASP F 53 104.21 -22.04 -4.68
C ASP F 53 102.84 -21.46 -4.97
N CYS F 54 102.77 -20.16 -5.13
CA CYS F 54 101.48 -19.52 -5.31
C CYS F 54 100.79 -20.01 -6.57
N ILE F 55 101.51 -20.14 -7.66
CA ILE F 55 100.84 -20.48 -8.91
C ILE F 55 100.22 -21.84 -8.76
N GLN F 56 100.96 -22.72 -8.11
CA GLN F 56 100.48 -24.06 -7.82
C GLN F 56 99.25 -24.03 -6.92
N GLN F 57 99.25 -23.18 -5.90
CA GLN F 57 98.12 -23.07 -5.01
C GLN F 57 96.95 -22.45 -5.68
N GLN F 58 97.20 -21.51 -6.56
CA GLN F 58 96.11 -20.90 -7.26
C GLN F 58 95.51 -21.89 -8.24
N THR F 59 96.31 -22.76 -8.83
CA THR F 59 95.77 -23.72 -9.76
C THR F 59 94.93 -24.69 -9.00
N LYS F 60 95.55 -25.31 -8.01
CA LYS F 60 94.87 -26.29 -7.23
C LYS F 60 93.52 -25.74 -6.78
N PHE F 61 93.55 -24.61 -6.10
CA PHE F 61 92.33 -23.86 -5.79
C PHE F 61 91.37 -23.87 -6.98
N LEU F 62 91.76 -23.26 -8.08
CA LEU F 62 90.87 -23.26 -9.20
C LEU F 62 90.31 -24.65 -9.40
N SER F 63 91.19 -25.64 -9.48
CA SER F 63 90.81 -26.97 -9.94
C SER F 63 89.93 -27.67 -8.95
N GLU F 64 90.41 -27.83 -7.74
CA GLU F 64 89.70 -28.62 -6.75
C GLU F 64 88.57 -27.86 -6.12
N ILE F 65 88.82 -26.67 -5.63
CA ILE F 65 87.77 -25.88 -5.00
C ILE F 65 86.78 -25.23 -5.97
N LEU F 66 87.22 -24.34 -6.81
CA LEU F 66 86.26 -23.64 -7.63
C LEU F 66 85.56 -24.60 -8.57
N LEU F 67 86.30 -25.21 -9.47
CA LEU F 67 85.70 -26.05 -10.48
C LEU F 67 85.08 -27.32 -9.89
N ARG F 68 85.92 -28.13 -9.26
CA ARG F 68 85.52 -29.46 -8.82
C ARG F 68 84.46 -29.38 -7.75
N GLU F 69 84.74 -28.66 -6.70
CA GLU F 69 83.80 -28.60 -5.64
C GLU F 69 82.73 -27.63 -6.04
N GLY F 70 83.07 -26.36 -6.03
CA GLY F 70 82.09 -25.31 -6.13
C GLY F 70 81.15 -25.52 -7.28
N ILE F 71 81.66 -25.59 -8.49
CA ILE F 71 80.80 -25.69 -9.66
C ILE F 71 80.37 -27.11 -9.81
N GLY F 72 81.33 -27.98 -9.97
CA GLY F 72 81.04 -29.32 -10.46
C GLY F 72 80.12 -30.06 -9.53
N ARG F 73 80.43 -30.00 -8.25
CA ARG F 73 79.78 -30.85 -7.31
C ARG F 73 78.58 -30.20 -6.71
N ASN F 74 78.73 -29.02 -6.13
CA ASN F 74 77.61 -28.34 -5.52
C ASN F 74 76.57 -27.84 -6.49
N LEU F 75 76.97 -27.24 -7.59
CA LEU F 75 75.96 -26.79 -8.50
C LEU F 75 75.40 -27.90 -9.35
N ILE F 76 76.28 -28.66 -10.00
CA ILE F 76 75.83 -29.67 -10.94
C ILE F 76 75.09 -30.78 -10.23
N GLU F 77 75.68 -31.31 -9.16
CA GLU F 77 75.09 -32.44 -8.45
C GLU F 77 74.04 -32.00 -7.44
N GLU F 78 74.37 -31.11 -6.52
CA GLU F 78 73.40 -30.69 -5.53
C GLU F 78 72.28 -29.91 -6.18
N GLU F 79 72.62 -28.82 -6.84
CA GLU F 79 71.62 -27.79 -7.11
C GLU F 79 70.82 -28.18 -8.32
N TRP F 80 71.50 -28.39 -9.42
CA TRP F 80 70.79 -28.53 -10.66
C TRP F 80 70.42 -29.97 -10.90
N SER F 81 71.23 -30.88 -10.45
CA SER F 81 70.96 -32.26 -10.76
C SER F 81 69.76 -32.81 -9.98
N GLN F 82 69.69 -32.51 -8.69
CA GLN F 82 68.61 -32.96 -7.88
C GLN F 82 67.64 -31.80 -7.67
N THR F 83 68.05 -30.74 -6.98
CA THR F 83 67.06 -29.80 -6.50
C THR F 83 66.25 -29.12 -7.58
N VAL F 84 66.86 -28.78 -8.69
CA VAL F 84 66.12 -28.01 -9.65
C VAL F 84 65.41 -28.92 -10.60
N LEU F 85 66.06 -29.97 -11.03
CA LEU F 85 65.52 -30.78 -12.11
C LEU F 85 64.72 -31.98 -11.62
N VAL F 86 64.91 -32.35 -10.38
CA VAL F 86 64.16 -33.40 -9.76
C VAL F 86 63.21 -32.70 -8.79
N ARG F 87 63.71 -32.14 -7.70
CA ARG F 87 62.84 -31.69 -6.63
C ARG F 87 61.82 -30.68 -7.15
N LEU F 88 62.28 -29.59 -7.74
CA LEU F 88 61.38 -28.53 -8.15
C LEU F 88 60.33 -29.05 -9.05
N VAL F 89 60.72 -29.87 -10.01
CA VAL F 89 59.75 -30.36 -10.99
C VAL F 89 58.66 -31.19 -10.34
N ASN F 90 59.07 -32.13 -9.55
CA ASN F 90 58.15 -32.84 -8.71
C ASN F 90 57.12 -31.95 -8.05
N ASP F 91 57.57 -31.01 -7.23
CA ASP F 91 56.65 -30.14 -6.54
C ASP F 91 55.82 -29.40 -7.55
N MET F 92 56.50 -28.84 -8.53
CA MET F 92 55.78 -28.12 -9.56
C MET F 92 54.69 -29.00 -10.20
N LYS F 93 55.06 -30.18 -10.64
CA LYS F 93 54.16 -31.01 -11.38
C LYS F 93 52.99 -31.38 -10.49
N PHE F 94 53.28 -31.65 -9.22
CA PHE F 94 52.26 -32.02 -8.27
C PHE F 94 51.20 -30.91 -8.23
N TRP F 95 51.57 -29.74 -7.72
CA TRP F 95 50.59 -28.70 -7.47
C TRP F 95 49.81 -28.35 -8.70
N GLN F 96 50.47 -28.29 -9.85
CA GLN F 96 49.73 -28.06 -11.09
C GLN F 96 48.63 -29.07 -11.24
N ASN F 97 48.96 -30.32 -11.03
CA ASN F 97 47.99 -31.37 -11.13
C ASN F 97 46.85 -31.16 -10.17
N GLU F 98 47.18 -30.89 -8.91
CA GLU F 98 46.17 -30.63 -7.91
C GLU F 98 45.20 -29.54 -8.33
N ILE F 99 45.72 -28.41 -8.76
CA ILE F 99 44.85 -27.33 -9.14
C ILE F 99 44.01 -27.73 -10.36
N THR F 100 44.54 -28.59 -11.18
CA THR F 100 43.79 -28.99 -12.32
C THR F 100 42.70 -29.99 -11.92
N LYS F 101 42.95 -30.80 -10.91
CA LYS F 101 41.89 -31.61 -10.35
C LYS F 101 40.77 -30.69 -9.83
N MET F 102 41.13 -29.73 -8.99
CA MET F 102 40.15 -28.80 -8.42
C MET F 102 39.35 -28.09 -9.48
N MET F 103 40.04 -27.57 -10.47
CA MET F 103 39.35 -26.87 -11.55
C MET F 103 38.40 -27.80 -12.30
N ASN F 104 38.79 -29.03 -12.54
CA ASN F 104 37.90 -29.99 -13.20
C ASN F 104 36.72 -30.33 -12.35
N LYS F 105 36.99 -30.61 -11.07
CA LYS F 105 35.93 -30.90 -10.11
C LYS F 105 34.86 -29.84 -10.18
N LEU F 106 35.29 -28.58 -10.32
CA LEU F 106 34.35 -27.47 -10.41
C LEU F 106 33.62 -27.40 -11.71
N ASP F 107 34.26 -27.79 -12.79
CA ASP F 107 33.56 -27.80 -14.06
C ASP F 107 32.73 -29.05 -14.21
N ASN F 108 32.84 -29.95 -13.24
CA ASN F 108 32.07 -31.18 -13.24
C ASN F 108 31.06 -31.17 -12.11
N ILE F 109 30.88 -30.01 -11.48
CA ILE F 109 30.00 -29.91 -10.34
C ILE F 109 28.57 -29.81 -10.82
N THR F 110 27.62 -30.07 -9.92
CA THR F 110 26.18 -30.04 -10.24
C THR F 110 25.79 -28.75 -10.97
N ASN F 111 26.33 -27.59 -10.55
CA ASN F 111 26.07 -26.33 -11.25
C ASN F 111 25.51 -25.27 -10.31
N GLU F 112 25.51 -23.99 -10.72
CA GLU F 112 24.89 -22.90 -9.94
C GLU F 112 23.77 -23.46 -9.11
N ILE F 113 22.92 -24.23 -9.79
CA ILE F 113 21.67 -24.74 -9.25
C ILE F 113 20.61 -23.62 -9.38
N ASP F 114 20.86 -22.65 -10.27
CA ASP F 114 19.98 -21.51 -10.46
C ASP F 114 19.56 -21.33 -11.93
N GLN F 115 18.26 -21.51 -12.17
CA GLN F 115 17.57 -21.23 -13.43
C GLN F 115 18.05 -22.10 -14.60
N GLN F 116 18.49 -21.49 -15.70
CA GLN F 116 19.01 -22.23 -16.85
C GLN F 116 20.43 -22.77 -16.65
N HIS F 117 20.74 -23.86 -17.35
CA HIS F 117 22.00 -24.58 -17.17
C HIS F 117 23.19 -23.69 -17.52
N ASN F 118 24.25 -23.87 -16.74
CA ASN F 118 25.37 -22.97 -16.69
C ASN F 118 26.62 -23.79 -16.43
N SER F 119 27.78 -23.25 -16.77
CA SER F 119 29.04 -23.98 -16.58
C SER F 119 29.27 -24.21 -15.08
N LYS F 120 28.64 -25.27 -14.60
CA LYS F 120 28.87 -25.86 -13.31
C LYS F 120 29.19 -24.76 -12.30
N LEU F 121 30.36 -24.79 -11.67
CA LEU F 121 30.84 -23.61 -10.95
C LEU F 121 31.93 -22.91 -11.76
N GLY F 122 32.68 -23.70 -12.53
CA GLY F 122 33.79 -23.19 -13.33
C GLY F 122 33.59 -21.84 -13.99
N ASP F 123 32.44 -21.63 -14.61
CA ASP F 123 32.21 -20.41 -15.38
C ASP F 123 32.47 -19.16 -14.55
N PHE F 124 32.38 -19.28 -13.23
CA PHE F 124 32.61 -18.15 -12.34
C PHE F 124 33.89 -18.40 -11.61
N ILE F 125 35.02 -18.12 -12.25
CA ILE F 125 36.33 -18.47 -11.70
C ILE F 125 37.39 -17.72 -12.50
N SER F 126 38.65 -17.74 -12.06
CA SER F 126 39.72 -17.12 -12.85
C SER F 126 40.83 -18.11 -13.24
N ARG F 127 40.89 -18.39 -14.54
CA ARG F 127 41.80 -19.38 -15.11
C ARG F 127 43.17 -18.78 -15.33
N ASP F 128 43.21 -17.54 -15.81
CA ASP F 128 44.47 -16.82 -15.92
C ASP F 128 45.25 -17.10 -14.65
N SER F 129 46.48 -17.57 -14.82
CA SER F 129 47.36 -17.92 -13.70
C SER F 129 47.11 -19.33 -13.10
N SER F 130 46.04 -20.01 -13.52
CA SER F 130 45.89 -21.43 -13.22
C SER F 130 47.13 -22.20 -13.69
N HIS F 131 47.42 -22.11 -14.98
CA HIS F 131 48.46 -22.90 -15.61
C HIS F 131 49.82 -22.19 -15.69
N ILE F 132 50.15 -21.48 -14.62
CA ILE F 132 51.42 -20.79 -14.49
C ILE F 132 52.59 -21.78 -14.38
N LEU F 133 52.35 -22.95 -13.81
CA LEU F 133 53.43 -23.91 -13.63
C LEU F 133 53.81 -24.60 -14.92
N ASP F 134 52.83 -24.93 -15.75
CA ASP F 134 53.15 -25.53 -17.04
C ASP F 134 54.12 -24.73 -17.90
N SER F 135 53.94 -23.42 -17.92
CA SER F 135 54.85 -22.57 -18.66
C SER F 135 56.24 -22.75 -18.15
N LYS F 136 56.42 -22.81 -16.85
CA LYS F 136 57.73 -23.06 -16.32
C LYS F 136 58.17 -24.46 -16.55
N LEU F 137 57.23 -25.37 -16.48
CA LEU F 137 57.53 -26.73 -16.73
C LEU F 137 58.10 -26.83 -18.14
N ASN F 138 57.58 -26.04 -19.07
CA ASN F 138 58.17 -25.88 -20.40
C ASN F 138 59.59 -25.31 -20.44
N GLU F 139 59.88 -24.37 -19.58
CA GLU F 139 61.23 -23.84 -19.50
C GLU F 139 62.20 -24.96 -19.08
N ILE F 140 61.69 -25.97 -18.43
CA ILE F 140 62.55 -26.88 -17.73
C ILE F 140 63.42 -27.71 -18.67
N PRO F 141 62.90 -28.13 -19.84
CA PRO F 141 63.81 -28.83 -20.73
C PRO F 141 64.92 -27.90 -21.12
N THR F 142 64.55 -26.74 -21.63
CA THR F 142 65.56 -25.84 -22.16
C THR F 142 66.57 -25.63 -21.09
N ILE F 143 66.14 -25.52 -19.85
CA ILE F 143 67.10 -25.38 -18.74
C ILE F 143 68.00 -26.62 -18.63
N ARG F 144 67.43 -27.80 -18.75
CA ARG F 144 68.23 -29.00 -18.66
C ARG F 144 69.40 -28.81 -19.63
N LYS F 145 69.05 -28.48 -20.88
CA LYS F 145 70.04 -28.27 -21.95
C LYS F 145 71.16 -27.35 -21.50
N GLN F 146 70.83 -26.25 -20.86
CA GLN F 146 71.86 -25.38 -20.32
C GLN F 146 72.73 -26.11 -19.33
N VAL F 147 72.13 -26.92 -18.47
CA VAL F 147 72.94 -27.63 -17.48
C VAL F 147 73.89 -28.58 -18.17
N GLU F 148 73.44 -29.17 -19.27
CA GLU F 148 74.27 -30.01 -20.09
C GLU F 148 75.46 -29.23 -20.69
N ASN F 149 75.24 -28.08 -21.30
CA ASN F 149 76.38 -27.28 -21.75
C ASN F 149 77.35 -27.04 -20.61
N ILE F 150 76.85 -26.47 -19.53
CA ILE F 150 77.76 -26.16 -18.46
C ILE F 150 78.52 -27.39 -18.14
N THR F 151 77.85 -28.52 -18.00
CA THR F 151 78.54 -29.64 -17.45
C THR F 151 79.66 -30.08 -18.37
N ARG F 152 79.40 -30.12 -19.68
CA ARG F 152 80.43 -30.54 -20.64
C ARG F 152 81.55 -29.51 -20.73
N GLN F 153 81.25 -28.21 -20.60
CA GLN F 153 82.34 -27.23 -20.62
C GLN F 153 83.21 -27.50 -19.41
N TYR F 154 82.58 -27.70 -18.26
CA TYR F 154 83.28 -27.98 -16.99
C TYR F 154 84.26 -29.14 -17.08
N GLN F 155 83.89 -30.17 -17.81
CA GLN F 155 84.78 -31.30 -18.01
C GLN F 155 86.00 -30.81 -18.78
N THR F 156 85.78 -30.36 -20.02
CA THR F 156 86.80 -29.65 -20.79
C THR F 156 87.75 -28.79 -19.94
N MET F 157 87.23 -27.73 -19.36
CA MET F 157 88.03 -26.84 -18.50
C MET F 157 88.77 -27.65 -17.47
N LEU F 158 88.05 -28.53 -16.79
CA LEU F 158 88.67 -29.26 -15.72
C LEU F 158 89.88 -30.02 -16.25
N ALA F 159 89.68 -30.76 -17.31
CA ALA F 159 90.72 -31.61 -17.82
C ALA F 159 91.87 -30.74 -18.18
N LYS F 160 91.61 -29.81 -19.10
CA LYS F 160 92.62 -28.84 -19.55
C LYS F 160 93.52 -28.41 -18.43
N VAL F 161 92.91 -27.72 -17.47
CA VAL F 161 93.61 -27.27 -16.27
C VAL F 161 94.35 -28.40 -15.58
N GLN F 162 93.59 -29.35 -15.12
CA GLN F 162 94.10 -30.34 -14.20
C GLN F 162 95.23 -31.11 -14.82
N SER F 163 95.00 -31.64 -16.02
CA SER F 163 96.01 -32.44 -16.67
C SER F 163 97.11 -31.50 -17.12
N GLN F 164 96.81 -30.64 -18.10
CA GLN F 164 97.85 -29.94 -18.82
C GLN F 164 98.74 -29.12 -17.93
N LEU F 165 98.13 -28.33 -17.05
CA LEU F 165 98.91 -27.40 -16.26
C LEU F 165 99.76 -28.12 -15.24
N VAL F 166 99.14 -28.95 -14.40
CA VAL F 166 99.88 -29.59 -13.30
C VAL F 166 101.03 -30.50 -13.77
N GLU F 167 100.82 -31.25 -14.86
CA GLU F 167 101.78 -32.29 -15.24
C GLU F 167 103.00 -31.74 -15.96
N SER F 168 102.79 -31.06 -17.08
CA SER F 168 103.88 -30.74 -17.98
C SER F 168 104.67 -29.56 -17.42
N ARG F 169 103.92 -28.52 -17.08
CA ARG F 169 104.52 -27.31 -16.57
C ARG F 169 105.06 -27.60 -15.18
N MET F 170 104.16 -27.90 -14.23
CA MET F 170 104.52 -27.93 -12.81
C MET F 170 105.64 -28.94 -12.47
N LYS F 171 105.71 -30.06 -13.20
CA LYS F 171 106.80 -31.02 -13.02
C LYS F 171 108.07 -30.53 -13.74
N GLY F 172 107.90 -30.03 -14.97
CA GLY F 172 108.98 -29.41 -15.73
C GLY F 172 109.64 -28.28 -14.97
N LEU F 173 108.81 -27.37 -14.42
CA LEU F 173 109.29 -26.22 -13.62
C LEU F 173 109.98 -26.64 -12.32
N ARG F 174 109.44 -27.64 -11.65
CA ARG F 174 110.08 -28.21 -10.45
C ARG F 174 111.48 -28.70 -10.76
N ASP F 175 111.62 -29.38 -11.90
CA ASP F 175 112.90 -29.92 -12.35
C ASP F 175 113.89 -28.81 -12.73
N GLU F 176 113.36 -27.71 -13.28
CA GLU F 176 114.17 -26.53 -13.58
C GLU F 176 114.73 -26.01 -12.27
N PHE F 177 113.84 -25.92 -11.27
CA PHE F 177 114.17 -25.39 -9.96
C PHE F 177 115.18 -26.26 -9.19
N SER F 178 115.06 -27.59 -9.28
CA SER F 178 116.02 -28.50 -8.65
C SER F 178 117.42 -28.33 -9.24
N GLU F 193 126.94 -20.00 -1.94
CA GLU F 193 127.37 -18.84 -1.15
C GLU F 193 128.79 -19.05 -0.58
N GLU F 194 129.47 -20.03 -1.16
CA GLU F 194 130.90 -20.20 -1.08
C GLU F 194 131.55 -18.94 -1.66
N PHE F 195 131.05 -18.55 -2.82
CA PHE F 195 131.51 -17.39 -3.60
C PHE F 195 131.38 -16.14 -2.74
N THR F 196 130.23 -15.97 -2.07
CA THR F 196 130.05 -14.83 -1.18
C THR F 196 131.15 -14.78 -0.16
N ASN F 197 131.39 -15.92 0.47
CA ASN F 197 132.46 -16.07 1.45
C ASN F 197 133.79 -15.50 0.97
N GLU F 198 134.29 -16.03 -0.15
CA GLU F 198 135.50 -15.52 -0.77
C GLU F 198 135.43 -14.00 -0.73
N ALA F 199 134.46 -13.44 -1.45
CA ALA F 199 134.37 -12.00 -1.60
C ALA F 199 134.55 -11.24 -0.30
N ASP F 200 134.00 -11.74 0.79
CA ASP F 200 134.12 -11.04 2.04
C ASP F 200 135.56 -11.06 2.50
N GLN F 201 136.19 -12.22 2.44
CA GLN F 201 137.56 -12.35 2.90
C GLN F 201 138.49 -11.43 2.11
N LEU F 202 138.18 -11.20 0.83
CA LEU F 202 138.97 -10.31 -0.02
C LEU F 202 138.68 -8.85 0.36
N GLU F 203 137.41 -8.50 0.56
CA GLU F 203 137.11 -7.16 1.02
C GLU F 203 137.95 -6.89 2.25
N GLN F 204 138.15 -7.91 3.07
CA GLN F 204 138.98 -7.80 4.27
C GLN F 204 140.46 -7.50 3.94
N GLU F 205 141.06 -8.30 3.07
CA GLU F 205 142.48 -8.16 2.77
C GLU F 205 142.76 -6.74 2.26
N LEU F 206 141.92 -6.28 1.34
CA LEU F 206 142.07 -4.93 0.80
C LEU F 206 142.05 -3.93 1.92
N ALA F 207 141.07 -4.04 2.80
CA ALA F 207 140.95 -3.15 3.96
C ALA F 207 142.18 -3.24 4.89
N ASP F 208 142.79 -4.41 5.01
CA ASP F 208 144.01 -4.57 5.81
C ASP F 208 145.06 -3.64 5.28
N PHE F 209 145.41 -3.85 4.02
CA PHE F 209 146.53 -3.20 3.38
C PHE F 209 146.34 -1.68 3.37
N LEU F 210 145.18 -1.20 2.97
CA LEU F 210 144.93 0.24 2.98
C LEU F 210 145.11 0.77 4.40
N LYS F 211 144.52 0.09 5.39
CA LYS F 211 144.69 0.47 6.80
C LYS F 211 146.16 0.47 7.26
N SER F 212 147.01 -0.39 6.67
CA SER F 212 148.44 -0.40 6.98
C SER F 212 149.06 0.88 6.49
N PHE F 213 148.74 1.21 5.25
CA PHE F 213 149.26 2.40 4.61
C PHE F 213 148.78 3.60 5.39
N THR F 214 147.46 3.73 5.51
CA THR F 214 146.87 4.89 6.14
C THR F 214 147.47 5.14 7.52
N ASP F 215 147.63 4.09 8.33
CA ASP F 215 148.24 4.25 9.66
C ASP F 215 149.71 4.67 9.52
N HIS F 216 150.49 4.02 8.66
CA HIS F 216 151.91 4.34 8.47
C HIS F 216 152.09 5.81 8.11
N PHE F 217 151.40 6.25 7.07
CA PHE F 217 151.33 7.66 6.71
C PHE F 217 150.98 8.48 7.95
N ASP F 218 149.94 8.06 8.68
CA ASP F 218 149.51 8.76 9.90
C ASP F 218 150.66 8.95 10.91
N LYS F 219 151.47 7.91 11.09
CA LYS F 219 152.62 7.95 12.01
C LYS F 219 153.52 9.03 11.46
N CYS F 220 153.88 8.86 10.19
CA CYS F 220 154.74 9.79 9.50
C CYS F 220 154.22 11.24 9.57
N SER F 221 152.94 11.48 9.30
CA SER F 221 152.35 12.83 9.44
C SER F 221 152.33 13.35 10.88
N ALA F 222 152.15 12.44 11.84
CA ALA F 222 152.19 12.81 13.26
C ALA F 222 153.52 13.46 13.61
N LEU F 223 154.58 13.04 12.93
CA LEU F 223 155.92 13.60 13.12
C LEU F 223 156.08 14.87 12.28
N SER F 224 155.12 15.76 12.44
CA SER F 224 155.21 17.13 11.99
C SER F 224 154.97 18.03 13.21
N SER F 225 155.17 17.47 14.41
CA SER F 225 154.94 18.12 15.71
C SER F 225 153.46 18.24 16.16
N ARG F 226 152.53 17.61 15.43
CA ARG F 226 151.09 17.70 15.77
C ARG F 226 150.79 17.19 17.19
N SER F 227 151.47 16.11 17.58
CA SER F 227 151.41 15.58 18.93
C SER F 227 152.77 15.83 19.57
N VAL F 228 152.75 16.34 20.81
CA VAL F 228 153.99 16.63 21.53
C VAL F 228 154.51 15.35 22.17
N SER F 229 155.09 14.51 21.32
CA SER F 229 155.72 13.26 21.74
C SER F 229 157.10 13.55 22.31
N PRO F 230 157.36 13.12 23.57
CA PRO F 230 158.71 13.29 24.09
C PRO F 230 159.57 12.07 23.80
N GLU F 231 160.46 12.16 22.79
CA GLU F 231 161.33 11.05 22.40
C GLU F 231 160.60 9.94 21.63
N ASP F 232 159.27 10.02 21.47
CA ASP F 232 158.55 8.97 20.73
C ASP F 232 159.13 8.95 19.33
N ALA F 233 159.34 10.15 18.81
CA ALA F 233 159.78 10.38 17.44
C ALA F 233 160.98 9.54 16.95
N GLN F 234 162.11 9.55 17.66
CA GLN F 234 163.31 8.85 17.15
C GLN F 234 163.36 7.33 17.44
N ASN F 235 162.44 6.83 18.27
CA ASN F 235 162.16 5.38 18.32
C ASN F 235 161.31 5.08 17.11
N LEU F 236 160.23 5.88 17.01
CA LEU F 236 159.27 5.84 15.91
C LEU F 236 159.93 5.77 14.55
N PHE F 237 160.92 6.65 14.34
CA PHE F 237 161.71 6.67 13.11
C PHE F 237 162.28 5.30 12.79
N GLU F 238 163.07 4.72 13.69
CA GLU F 238 163.61 3.37 13.45
C GLU F 238 162.48 2.50 12.92
N ILE F 239 161.34 2.51 13.60
CA ILE F 239 160.17 1.75 13.16
C ILE F 239 159.72 2.24 11.76
N VAL F 240 159.27 3.48 11.65
CA VAL F 240 158.80 4.05 10.37
C VAL F 240 159.85 3.95 9.25
N GLU F 241 161.11 4.23 9.58
CA GLU F 241 162.23 4.03 8.66
C GLU F 241 162.37 2.54 8.30
N ARG F 242 162.43 1.71 9.34
CA ARG F 242 162.51 0.26 9.17
C ARG F 242 161.28 -0.21 8.39
N ASP F 243 160.13 0.39 8.68
CA ASP F 243 158.85 0.04 8.01
C ASP F 243 158.81 0.53 6.57
N ASP F 244 159.15 1.80 6.37
CA ASP F 244 159.33 2.38 5.04
C ASP F 244 160.20 1.48 4.14
N LYS F 245 161.33 1.02 4.67
CA LYS F 245 162.15 0.06 3.94
C LYS F 245 161.28 -1.10 3.49
N ASP F 246 160.69 -1.79 4.47
CA ASP F 246 159.85 -2.97 4.23
C ASP F 246 158.76 -2.68 3.22
N LEU F 247 158.06 -1.57 3.42
CA LEU F 247 156.78 -1.27 2.73
C LEU F 247 156.86 -1.36 1.21
N ALA F 248 157.87 -0.71 0.63
CA ALA F 248 158.07 -0.76 -0.81
C ALA F 248 157.79 -2.18 -1.36
N ALA F 249 158.42 -3.15 -0.71
CA ALA F 249 158.27 -4.54 -1.07
C ALA F 249 156.83 -5.07 -0.86
N ILE F 250 156.15 -4.61 0.19
CA ILE F 250 154.84 -5.20 0.60
C ILE F 250 153.71 -4.93 -0.42
N ASN F 251 153.69 -3.72 -0.97
CA ASN F 251 152.73 -3.33 -1.98
C ASN F 251 152.75 -4.26 -3.20
N SER F 252 153.92 -4.79 -3.55
CA SER F 252 154.00 -5.71 -4.68
C SER F 252 153.02 -6.87 -4.50
N LEU F 253 152.77 -7.21 -3.24
CA LEU F 253 151.91 -8.34 -2.86
C LEU F 253 150.44 -7.96 -2.80
N LEU F 254 150.17 -6.72 -2.46
CA LEU F 254 148.85 -6.16 -2.65
C LEU F 254 148.49 -6.23 -4.13
N GLN F 255 149.28 -5.57 -4.98
CA GLN F 255 149.10 -5.63 -6.44
C GLN F 255 148.68 -7.03 -6.90
N ASP F 256 149.38 -8.04 -6.37
CA ASP F 256 149.00 -9.43 -6.57
C ASP F 256 147.53 -9.67 -6.25
N ALA F 257 147.14 -9.43 -5.00
CA ALA F 257 145.77 -9.67 -4.55
C ALA F 257 144.74 -9.11 -5.54
N ALA F 258 144.82 -7.83 -5.83
CA ALA F 258 143.97 -7.23 -6.84
C ALA F 258 143.82 -8.11 -8.07
N ILE F 259 144.85 -8.87 -8.42
CA ILE F 259 144.77 -9.83 -9.53
C ILE F 259 143.90 -11.01 -9.14
N ASP F 260 144.01 -11.45 -7.91
CA ASP F 260 143.12 -12.51 -7.40
C ASP F 260 141.66 -12.11 -7.46
N VAL F 261 141.33 -11.00 -6.84
CA VAL F 261 139.97 -10.51 -6.89
C VAL F 261 139.46 -10.44 -8.33
N ALA F 262 140.25 -9.94 -9.26
CA ALA F 262 139.78 -9.65 -10.63
C ALA F 262 139.41 -10.92 -11.36
N SER F 263 140.20 -11.97 -11.12
CA SER F 263 139.93 -13.28 -11.69
C SER F 263 138.62 -13.84 -11.10
N PHE F 264 138.48 -13.70 -9.79
CA PHE F 264 137.27 -14.11 -9.10
C PHE F 264 136.02 -13.41 -9.68
N VAL F 265 135.93 -12.10 -9.55
CA VAL F 265 134.83 -11.38 -10.14
C VAL F 265 134.54 -11.83 -11.57
N ARG F 266 135.61 -12.04 -12.37
CA ARG F 266 135.44 -12.46 -13.76
C ARG F 266 134.60 -13.73 -13.78
N LYS F 267 134.96 -14.67 -12.91
CA LYS F 267 134.36 -16.00 -12.92
C LYS F 267 132.89 -16.03 -12.51
N VAL F 268 132.56 -15.24 -11.50
CA VAL F 268 131.21 -15.21 -10.94
C VAL F 268 130.25 -14.55 -11.87
N ASN F 269 130.63 -13.41 -12.41
CA ASN F 269 129.78 -12.77 -13.37
C ASN F 269 129.53 -13.60 -14.62
N MET F 270 130.53 -14.35 -15.06
CA MET F 270 130.28 -15.29 -16.14
C MET F 270 129.07 -16.15 -15.76
N LEU F 271 129.14 -16.85 -14.63
CA LEU F 271 128.01 -17.72 -14.24
C LEU F 271 126.68 -16.99 -14.31
N LEU F 272 126.68 -15.84 -13.67
CA LEU F 272 125.50 -15.04 -13.55
C LEU F 272 125.00 -14.59 -14.92
N ASP F 273 125.92 -14.30 -15.84
CA ASP F 273 125.53 -13.90 -17.20
C ASP F 273 124.74 -15.01 -17.86
N GLU F 274 125.18 -16.24 -17.61
CA GLU F 274 124.50 -17.43 -18.09
C GLU F 274 123.17 -17.63 -17.37
N ARG F 275 123.19 -17.45 -16.07
CA ARG F 275 121.98 -17.52 -15.29
C ARG F 275 120.95 -16.52 -15.81
N ASP F 276 121.38 -15.31 -16.08
CA ASP F 276 120.51 -14.30 -16.68
C ASP F 276 119.82 -14.70 -17.99
N ALA F 277 120.42 -15.58 -18.77
CA ALA F 277 119.76 -16.06 -19.98
C ALA F 277 118.57 -16.97 -19.63
N ASP F 278 118.72 -17.72 -18.54
CA ASP F 278 117.66 -18.60 -18.02
C ASP F 278 116.49 -17.81 -17.47
N LYS F 279 116.79 -16.88 -16.58
CA LYS F 279 115.80 -15.98 -16.02
C LYS F 279 114.81 -15.51 -17.04
N ALA F 280 115.30 -15.02 -18.16
CA ALA F 280 114.44 -14.49 -19.22
C ALA F 280 113.46 -15.52 -19.77
N LYS F 281 113.89 -16.78 -19.81
CA LYS F 281 113.05 -17.86 -20.28
C LYS F 281 112.04 -18.15 -19.18
N MET F 282 112.55 -18.50 -18.01
CA MET F 282 111.69 -18.83 -16.89
C MET F 282 110.61 -17.78 -16.74
N GLN F 283 110.99 -16.53 -16.70
CA GLN F 283 110.00 -15.50 -16.67
C GLN F 283 109.01 -15.62 -17.83
N ALA F 284 109.46 -15.96 -19.02
CA ALA F 284 108.54 -15.90 -20.14
C ALA F 284 107.48 -16.93 -19.98
N THR F 285 107.85 -18.11 -19.47
CA THR F 285 106.88 -19.19 -19.29
C THR F 285 105.90 -18.85 -18.21
N LEU F 286 106.38 -18.24 -17.11
CA LEU F 286 105.44 -17.74 -16.11
C LEU F 286 104.39 -16.92 -16.78
N SER F 287 104.79 -15.82 -17.40
CA SER F 287 103.81 -15.04 -18.12
C SER F 287 102.79 -15.83 -18.94
N LYS F 288 103.22 -16.93 -19.53
CA LYS F 288 102.29 -17.76 -20.29
C LYS F 288 101.25 -18.31 -19.34
N LEU F 289 101.69 -18.76 -18.18
CA LEU F 289 100.78 -19.32 -17.22
C LEU F 289 99.73 -18.31 -16.87
N LEU F 290 100.19 -17.17 -16.38
CA LEU F 290 99.27 -16.20 -15.78
C LEU F 290 98.16 -15.88 -16.76
N THR F 291 98.55 -15.51 -17.97
CA THR F 291 97.60 -15.24 -19.01
C THR F 291 96.59 -16.35 -19.22
N GLU F 292 97.02 -17.62 -19.10
CA GLU F 292 96.08 -18.74 -19.19
C GLU F 292 95.08 -18.71 -18.07
N LEU F 293 95.51 -18.33 -16.87
CA LEU F 293 94.58 -18.24 -15.73
C LEU F 293 93.61 -17.13 -15.95
N ARG F 294 94.05 -15.97 -16.41
CA ARG F 294 93.10 -14.91 -16.74
C ARG F 294 92.03 -15.42 -17.69
N LYS F 295 92.40 -16.28 -18.61
CA LYS F 295 91.42 -16.68 -19.60
C LYS F 295 90.34 -17.37 -18.87
N HIS F 296 90.72 -18.16 -17.88
CA HIS F 296 89.78 -18.96 -17.10
C HIS F 296 88.74 -18.14 -16.39
N GLU F 297 89.16 -17.05 -15.78
CA GLU F 297 88.20 -16.14 -15.20
C GLU F 297 87.04 -15.93 -16.14
N GLU F 298 87.33 -15.53 -17.36
CA GLU F 298 86.26 -15.10 -18.26
C GLU F 298 85.26 -16.20 -18.43
N TYR F 299 85.78 -17.40 -18.68
CA TYR F 299 84.94 -18.56 -18.95
C TYR F 299 84.03 -18.79 -17.77
N ILE F 300 84.62 -18.84 -16.58
CA ILE F 300 83.91 -19.05 -15.35
C ILE F 300 82.80 -18.02 -15.10
N SER F 301 83.09 -16.77 -15.38
CA SER F 301 82.11 -15.72 -15.16
C SER F 301 80.81 -16.02 -15.92
N VAL F 302 80.89 -16.73 -17.03
CA VAL F 302 79.71 -17.13 -17.73
C VAL F 302 79.01 -18.19 -16.92
N PHE F 303 79.78 -19.09 -16.34
CA PHE F 303 79.19 -20.14 -15.51
C PHE F 303 78.39 -19.54 -14.40
N GLU F 304 79.02 -18.74 -13.55
CA GLU F 304 78.31 -17.98 -12.55
C GLU F 304 77.12 -17.31 -13.18
N GLY F 305 77.39 -16.58 -14.24
CA GLY F 305 76.37 -15.81 -14.90
C GLY F 305 75.09 -16.56 -15.12
N ILE F 306 75.18 -17.84 -15.47
CA ILE F 306 73.97 -18.61 -15.70
C ILE F 306 73.54 -19.36 -14.44
N SER F 307 74.50 -19.82 -13.66
CA SER F 307 74.16 -20.32 -12.35
C SER F 307 73.20 -19.37 -11.64
N ALA F 308 73.46 -18.07 -11.75
CA ALA F 308 72.61 -17.10 -11.14
C ALA F 308 71.24 -17.12 -11.78
N LEU F 309 71.19 -17.17 -13.11
CA LEU F 309 69.89 -17.03 -13.80
C LEU F 309 69.01 -18.25 -13.45
N ILE F 310 69.66 -19.38 -13.26
CA ILE F 310 68.95 -20.54 -12.84
C ILE F 310 68.35 -20.23 -11.50
N GLN F 311 69.19 -19.88 -10.54
CA GLN F 311 68.69 -19.55 -9.24
C GLN F 311 67.50 -18.66 -9.33
N LYS F 312 67.62 -17.63 -10.17
CA LYS F 312 66.54 -16.67 -10.37
C LYS F 312 65.29 -17.42 -10.80
N PHE F 313 65.44 -18.35 -11.72
CA PHE F 313 64.32 -19.15 -12.19
C PHE F 313 63.73 -19.87 -11.00
N LYS F 314 64.57 -20.65 -10.34
CA LYS F 314 64.11 -21.39 -9.16
C LYS F 314 63.30 -20.54 -8.18
N ALA F 315 63.70 -19.30 -7.94
CA ALA F 315 62.96 -18.42 -7.06
C ALA F 315 61.60 -18.05 -7.66
N SER F 316 61.56 -17.67 -8.93
CA SER F 316 60.30 -17.43 -9.57
C SER F 316 59.44 -18.65 -9.46
N CYS F 317 60.04 -19.83 -9.52
CA CYS F 317 59.27 -21.07 -9.37
C CYS F 317 58.63 -21.17 -8.02
N LEU F 318 59.46 -21.25 -7.00
CA LEU F 318 58.99 -21.30 -5.66
C LEU F 318 57.86 -20.35 -5.43
N GLU F 319 58.06 -19.10 -5.86
CA GLU F 319 57.04 -18.06 -5.80
C GLU F 319 55.76 -18.49 -6.48
N ASP F 320 55.88 -19.04 -7.68
CA ASP F 320 54.71 -19.49 -8.40
C ASP F 320 54.01 -20.56 -7.65
N ILE F 321 54.78 -21.47 -7.06
CA ILE F 321 54.21 -22.50 -6.20
C ILE F 321 53.44 -21.90 -5.04
N ARG F 322 54.03 -20.94 -4.34
CA ARG F 322 53.27 -20.30 -3.29
C ARG F 322 51.94 -19.78 -3.87
N GLN F 323 52.01 -18.98 -4.93
CA GLN F 323 50.83 -18.40 -5.57
C GLN F 323 49.77 -19.40 -5.93
N THR F 324 50.20 -20.57 -6.35
CA THR F 324 49.27 -21.57 -6.85
C THR F 324 48.64 -22.28 -5.67
N ARG F 325 49.39 -22.47 -4.60
CA ARG F 325 48.77 -23.00 -3.41
C ARG F 325 47.74 -22.04 -2.87
N ASN F 326 48.00 -20.74 -2.92
CA ASN F 326 46.98 -19.76 -2.58
C ASN F 326 45.75 -19.86 -3.48
N LEU F 327 45.97 -19.95 -4.77
CA LEU F 327 44.88 -20.05 -5.70
C LEU F 327 43.98 -21.22 -5.40
N LEU F 328 44.58 -22.30 -4.92
CA LEU F 328 43.80 -23.46 -4.51
C LEU F 328 42.99 -23.10 -3.33
N ASP F 329 43.63 -22.61 -2.27
CA ASP F 329 42.90 -22.13 -1.10
C ASP F 329 41.70 -21.20 -1.46
N PHE F 330 41.93 -20.21 -2.31
CA PHE F 330 40.84 -19.42 -2.79
C PHE F 330 39.77 -20.28 -3.47
N TYR F 331 40.13 -21.22 -4.30
CA TYR F 331 39.09 -22.01 -4.98
C TYR F 331 38.27 -22.74 -3.95
N ALA F 332 38.97 -23.35 -3.00
CA ALA F 332 38.32 -24.08 -1.94
C ALA F 332 37.37 -23.15 -1.25
N ASN F 333 37.92 -22.07 -0.68
CA ASN F 333 37.10 -21.11 0.00
C ASN F 333 35.81 -20.78 -0.75
N PHE F 334 35.97 -20.44 -2.03
CA PHE F 334 34.86 -20.13 -2.90
C PHE F 334 33.82 -21.23 -2.76
N GLU F 335 34.21 -22.44 -3.05
CA GLU F 335 33.28 -23.55 -2.98
C GLU F 335 32.51 -23.54 -1.65
N ARG F 336 33.21 -23.34 -0.53
CA ARG F 336 32.57 -23.21 0.79
C ARG F 336 31.58 -22.08 0.80
N SER F 337 31.98 -20.93 0.28
CA SER F 337 31.10 -19.79 0.14
C SER F 337 29.84 -20.12 -0.69
N TYR F 338 30.03 -20.75 -1.84
CA TYR F 338 28.90 -21.15 -2.65
C TYR F 338 27.90 -21.98 -1.83
N HIS F 339 28.39 -22.88 -0.99
CA HIS F 339 27.50 -23.63 -0.13
C HIS F 339 26.81 -22.64 0.81
N ASN F 340 27.58 -21.73 1.40
CA ASN F 340 26.99 -20.67 2.21
C ASN F 340 26.04 -19.77 1.45
N LEU F 341 26.17 -19.73 0.14
CA LEU F 341 25.30 -18.93 -0.69
C LEU F 341 23.98 -19.62 -0.83
N LEU F 342 24.00 -20.92 -1.05
CA LEU F 342 22.75 -21.64 -1.08
C LEU F 342 21.98 -21.45 0.23
N LYS F 343 22.59 -21.69 1.38
CA LYS F 343 21.84 -21.59 2.62
C LYS F 343 21.30 -20.18 2.77
N GLU F 344 22.07 -19.19 2.32
CA GLU F 344 21.65 -17.79 2.29
C GLU F 344 20.50 -17.57 1.32
N VAL F 345 20.58 -18.07 0.11
CA VAL F 345 19.45 -17.85 -0.79
C VAL F 345 18.16 -18.41 -0.19
N LYS F 346 18.25 -19.58 0.46
CA LYS F 346 17.13 -20.26 1.08
C LYS F 346 16.60 -19.44 2.26
N ARG F 347 17.50 -18.81 2.99
CA ARG F 347 17.10 -17.95 4.09
C ARG F 347 16.31 -16.78 3.56
N ARG F 348 16.70 -16.25 2.42
CA ARG F 348 15.98 -15.12 1.84
C ARG F 348 14.56 -15.52 1.51
N LYS F 349 14.43 -16.62 0.79
CA LYS F 349 13.11 -17.13 0.46
C LYS F 349 12.26 -17.28 1.71
N GLU F 350 12.77 -17.95 2.74
CA GLU F 350 12.07 -18.08 4.02
C GLU F 350 11.62 -16.71 4.59
N THR F 351 12.48 -15.72 4.50
CA THR F 351 12.13 -14.36 4.88
C THR F 351 11.04 -13.78 3.97
N ALA F 352 10.98 -14.17 2.71
CA ALA F 352 9.92 -13.64 1.85
C ALA F 352 8.61 -14.25 2.25
N ALA F 353 8.61 -15.55 2.55
CA ALA F 353 7.40 -16.23 3.02
C ALA F 353 6.89 -15.54 4.27
N LYS F 354 7.76 -15.40 5.27
CA LYS F 354 7.42 -14.68 6.49
C LYS F 354 6.75 -13.33 6.22
N LEU F 355 7.33 -12.52 5.33
CA LEU F 355 6.74 -11.24 5.00
C LEU F 355 5.38 -11.38 4.35
N SER F 356 5.22 -12.35 3.48
CA SER F 356 3.92 -12.55 2.86
C SER F 356 2.88 -13.10 3.86
N GLN F 357 3.29 -14.07 4.66
CA GLN F 357 2.52 -14.46 5.82
C GLN F 357 1.96 -13.28 6.58
N ILE F 358 2.79 -12.25 6.81
CA ILE F 358 2.35 -11.12 7.60
C ILE F 358 1.33 -10.30 6.86
N LEU F 359 1.51 -10.12 5.56
CA LEU F 359 0.59 -9.28 4.85
C LEU F 359 -0.71 -9.98 4.63
N LYS F 360 -0.66 -11.23 4.23
CA LYS F 360 -1.88 -11.98 4.10
C LYS F 360 -2.63 -12.01 5.43
N SER F 361 -1.92 -12.25 6.53
CA SER F 361 -2.53 -12.24 7.86
C SER F 361 -3.20 -10.91 8.12
N CYS F 362 -2.56 -9.84 7.73
CA CYS F 362 -3.07 -8.51 7.95
C CYS F 362 -4.18 -8.18 6.96
N GLU F 363 -4.02 -8.65 5.74
CA GLU F 363 -5.02 -8.43 4.73
C GLU F 363 -6.32 -8.94 5.29
N THR F 364 -6.37 -10.23 5.59
CA THR F 364 -7.62 -10.85 6.02
C THR F 364 -8.21 -10.14 7.25
N GLN F 365 -7.37 -9.75 8.18
CA GLN F 365 -7.84 -9.01 9.32
C GLN F 365 -8.68 -7.82 8.87
N LEU F 366 -8.20 -7.06 7.90
CA LEU F 366 -8.92 -5.87 7.47
C LEU F 366 -10.18 -6.22 6.67
N GLU F 367 -10.08 -7.23 5.82
CA GLU F 367 -11.25 -7.68 5.11
C GLU F 367 -12.34 -8.01 6.10
N GLN F 368 -11.99 -8.68 7.19
CA GLN F 368 -12.94 -8.93 8.29
C GLN F 368 -13.56 -7.63 8.78
N ILE F 369 -12.73 -6.74 9.24
CA ILE F 369 -13.23 -5.55 9.82
C ILE F 369 -14.04 -4.80 8.82
N ASN F 370 -13.61 -4.80 7.58
CA ASN F 370 -14.33 -4.05 6.58
C ASN F 370 -15.71 -4.60 6.31
N THR F 371 -15.83 -5.90 6.14
CA THR F 371 -17.16 -6.43 5.90
C THR F 371 -18.07 -6.18 7.10
N ALA F 372 -17.55 -6.20 8.32
CA ALA F 372 -18.38 -5.94 9.47
C ALA F 372 -18.86 -4.52 9.43
N ASP F 373 -17.97 -3.60 9.12
CA ASP F 373 -18.31 -2.20 9.03
C ASP F 373 -19.43 -2.00 8.03
N LEU F 374 -19.23 -2.46 6.81
CA LEU F 374 -20.26 -2.27 5.80
C LEU F 374 -21.62 -2.79 6.25
N ARG F 375 -21.67 -3.99 6.80
CA ARG F 375 -22.91 -4.49 7.40
C ARG F 375 -23.50 -3.42 8.34
N GLU F 376 -22.64 -2.84 9.15
CA GLU F 376 -23.08 -1.87 10.12
C GLU F 376 -23.64 -0.61 9.50
N ARG F 377 -23.05 -0.14 8.42
CA ARG F 377 -23.63 1.00 7.70
C ARG F 377 -24.97 0.67 7.07
N GLN F 378 -25.08 -0.51 6.48
CA GLN F 378 -26.36 -0.98 5.96
C GLN F 378 -27.43 -0.98 7.04
N MET F 379 -27.10 -1.52 8.22
CA MET F 379 -28.04 -1.53 9.31
C MET F 379 -28.42 -0.10 9.64
N PHE F 380 -27.44 0.78 9.67
CA PHE F 380 -27.70 2.15 10.00
C PHE F 380 -28.64 2.84 9.02
N LEU F 381 -28.45 2.57 7.74
CA LEU F 381 -29.28 3.16 6.70
C LEU F 381 -30.68 2.57 6.73
N LEU F 382 -30.80 1.32 7.12
CA LEU F 382 -32.11 0.70 7.29
C LEU F 382 -32.86 1.40 8.41
N GLU F 383 -32.21 1.56 9.56
CA GLU F 383 -32.79 2.33 10.67
C GLU F 383 -33.12 3.76 10.33
N ASN F 384 -32.23 4.43 9.63
CA ASN F 384 -32.38 5.84 9.37
C ASN F 384 -32.27 6.06 7.88
N GLY F 385 -31.91 7.26 7.43
CA GLY F 385 -32.23 7.62 6.04
C GLY F 385 -33.74 7.55 6.06
N ASN F 386 -34.43 7.94 5.00
CA ASN F 386 -35.85 8.30 5.16
C ASN F 386 -35.93 9.49 6.10
N TYR F 387 -35.40 9.34 7.31
CA TYR F 387 -35.41 10.40 8.29
C TYR F 387 -34.20 11.31 8.26
N LEU F 388 -33.24 11.02 7.39
CA LEU F 388 -32.06 11.87 7.26
C LEU F 388 -31.80 12.21 5.80
N PRO F 389 -31.27 13.42 5.54
CA PRO F 389 -31.01 13.84 4.17
C PRO F 389 -29.51 13.80 3.89
N GLU F 390 -29.13 13.48 2.66
CA GLU F 390 -27.70 13.42 2.34
C GLU F 390 -27.02 14.74 2.68
N THR F 391 -27.76 15.83 2.50
CA THR F 391 -27.29 17.17 2.84
C THR F 391 -26.51 17.20 4.16
N ILE F 392 -26.95 16.42 5.15
CA ILE F 392 -26.38 16.47 6.49
C ILE F 392 -24.94 15.98 6.61
N TRP F 393 -24.58 14.96 5.82
CA TRP F 393 -23.21 14.43 5.80
C TRP F 393 -22.73 14.29 4.35
N PRO F 394 -22.50 15.43 3.70
CA PRO F 394 -22.59 15.57 2.25
C PRO F 394 -22.33 14.30 1.42
N ASP F 395 -21.24 13.58 1.71
CA ASP F 395 -20.87 12.40 0.92
C ASP F 395 -20.82 11.10 1.71
N GLU F 396 -20.53 11.19 3.00
CA GLU F 396 -20.09 10.04 3.82
C GLU F 396 -21.15 8.98 4.17
N ILE F 397 -22.42 9.38 4.27
CA ILE F 397 -23.45 8.44 4.75
C ILE F 397 -23.66 7.27 3.82
N GLY F 398 -23.88 7.56 2.53
CA GLY F 398 -24.07 6.50 1.53
C GLY F 398 -22.75 6.01 0.99
N SER F 399 -21.64 6.53 1.52
CA SER F 399 -20.31 6.33 0.97
C SER F 399 -20.02 4.86 0.71
N LEU F 400 -20.28 4.03 1.72
CA LEU F 400 -20.26 2.58 1.52
C LEU F 400 -18.91 2.05 0.97
N SER F 401 -17.88 2.89 0.98
CA SER F 401 -16.58 2.49 0.47
C SER F 401 -15.67 2.29 1.67
N PRO F 402 -14.95 1.15 1.70
CA PRO F 402 -14.06 0.84 2.81
C PRO F 402 -13.13 1.99 3.12
N LEU F 403 -12.58 1.99 4.32
CA LEU F 403 -11.83 3.14 4.87
C LEU F 403 -10.35 3.06 4.58
N TYR F 404 -9.87 1.87 4.22
CA TYR F 404 -8.46 1.67 4.00
C TYR F 404 -8.21 1.37 2.53
N THR F 405 -6.95 1.55 2.16
CA THR F 405 -6.43 1.19 0.84
C THR F 405 -5.13 0.40 1.05
N LEU F 406 -4.98 -0.72 0.32
CA LEU F 406 -3.80 -1.57 0.48
C LEU F 406 -3.18 -2.06 -0.83
N ASN F 407 -1.85 -2.01 -0.88
CA ASN F 407 -1.09 -2.63 -1.97
C ASN F 407 0.28 -3.04 -1.48
N TYR F 408 0.60 -4.32 -1.68
CA TYR F 408 1.88 -4.87 -1.26
C TYR F 408 2.44 -5.85 -2.28
N GLU F 409 3.72 -5.72 -2.59
CA GLU F 409 4.30 -6.61 -3.58
C GLU F 409 4.95 -7.83 -2.95
N VAL F 410 5.86 -7.63 -1.99
CA VAL F 410 6.61 -8.76 -1.40
C VAL F 410 7.26 -9.65 -2.46
N ARG F 411 8.23 -9.10 -3.17
CA ARG F 411 9.11 -9.84 -4.08
C ARG F 411 9.29 -11.32 -3.72
#